data_7V09
#
_entry.id   7V09
#
_cell.length_a   69.956
_cell.length_b   67.618
_cell.length_c   86.656
_cell.angle_alpha   90.000
_cell.angle_beta   104.220
_cell.angle_gamma   90.000
#
_symmetry.space_group_name_H-M   'P 1 21 1'
#
loop_
_entity.id
_entity.type
_entity.pdbx_description
1 polymer 'Multiple sugar transport system periplasmic sugar-binding protein'
2 non-polymer 'MAGNESIUM ION'
3 water water
#
_entity_poly.entity_id   1
_entity_poly.type   'polypeptide(L)'
_entity_poly.pdbx_seq_one_letter_code
;KDDTQSSVTIEFMHSSVEQERQAVITKLIEKFEKENPSITVKQVPVEEDAYNTKVITLARTGALPEVIEVSHDYAKVMDK
EQLLDRDAIGEAIKAVGEKTFYDGILRVVRTEDGTAWTGVPISAWLSGVWYHKDVLAAAGIKEPHNWQQLLKASQMLNDP
AKKHYGIALPTAESVMTEQAFSQFALSGGANVFDAQGNIQIDTPEMLNALAFYKELAKNTMPGSNDVMEIKDAFMNGSAP
MAVYSTYILPAVFKEGDPANLGFVVPTEKSSAVYGMVTSLTITTGQTEEETKAAEKFVTWMEQAQNASDWVMMSPGAALP
VNKLVVDTESWKNNEVIKAFGQLPYELIAQFPNVQVFGAVGDKNFTRMGDVTGSGIISSMVHNVTVGQQDLNTTLSNSQK
RLTDLVSQR
;
_entity_poly.pdbx_strand_id   A,B
#
loop_
_chem_comp.id
_chem_comp.type
_chem_comp.name
_chem_comp.formula
MG non-polymer 'MAGNESIUM ION' 'Mg 2'
#
# COMPACT_ATOMS: atom_id res chain seq x y z
N SER A 6 -25.53 37.00 15.80
CA SER A 6 -24.13 37.31 16.07
C SER A 6 -23.27 36.98 14.86
N SER A 7 -22.00 36.66 15.10
CA SER A 7 -21.08 36.30 14.03
C SER A 7 -20.03 35.36 14.56
N VAL A 8 -19.71 34.33 13.77
CA VAL A 8 -18.69 33.37 14.12
C VAL A 8 -18.24 32.66 12.85
N THR A 9 -16.95 32.38 12.77
CA THR A 9 -16.37 31.67 11.64
C THR A 9 -15.91 30.29 12.09
N ILE A 10 -16.36 29.26 11.38
CA ILE A 10 -15.98 27.88 11.67
C ILE A 10 -15.39 27.27 10.40
N GLU A 11 -14.63 26.19 10.59
CA GLU A 11 -13.93 25.51 9.52
C GLU A 11 -14.53 24.14 9.28
N PHE A 12 -14.69 23.77 8.01
CA PHE A 12 -15.16 22.45 7.62
C PHE A 12 -14.03 21.73 6.90
N MET A 13 -13.44 20.74 7.58
CA MET A 13 -12.39 19.92 6.99
C MET A 13 -13.00 18.70 6.33
N HIS A 14 -12.61 18.45 5.08
CA HIS A 14 -13.14 17.32 4.33
C HIS A 14 -12.03 16.72 3.47
N SER A 15 -12.32 15.55 2.91
CA SER A 15 -11.36 14.80 2.12
C SER A 15 -11.55 14.97 0.61
N SER A 16 -12.28 16.02 0.21
CA SER A 16 -12.52 16.27 -1.22
C SER A 16 -11.44 17.21 -1.73
N VAL A 17 -10.39 16.62 -2.31
CA VAL A 17 -9.38 17.41 -3.01
C VAL A 17 -9.67 17.50 -4.50
N GLU A 18 -10.54 16.64 -5.03
CA GLU A 18 -10.94 16.73 -6.43
C GLU A 18 -11.75 17.99 -6.65
N GLN A 19 -11.41 18.74 -7.71
CA GLN A 19 -12.10 19.99 -7.99
C GLN A 19 -13.57 19.79 -8.32
N GLU A 20 -13.96 18.58 -8.77
CA GLU A 20 -15.35 18.32 -9.06
C GLU A 20 -16.20 18.31 -7.79
N ARG A 21 -15.67 17.75 -6.71
CA ARG A 21 -16.39 17.68 -5.45
C ARG A 21 -16.23 18.93 -4.60
N GLN A 22 -15.13 19.66 -4.77
CA GLN A 22 -14.98 20.93 -4.07
C GLN A 22 -16.03 21.93 -4.51
N ALA A 23 -16.44 21.88 -5.78
CA ALA A 23 -17.47 22.79 -6.27
C ALA A 23 -18.82 22.48 -5.65
N VAL A 24 -19.11 21.19 -5.43
CA VAL A 24 -20.37 20.81 -4.77
C VAL A 24 -20.38 21.33 -3.35
N ILE A 25 -19.27 21.15 -2.62
CA ILE A 25 -19.19 21.65 -1.25
C ILE A 25 -19.18 23.17 -1.23
N THR A 26 -18.51 23.79 -2.21
CA THR A 26 -18.53 25.25 -2.30
C THR A 26 -19.94 25.77 -2.52
N LYS A 27 -20.72 25.12 -3.38
CA LYS A 27 -22.11 25.51 -3.59
C LYS A 27 -22.93 25.29 -2.32
N LEU A 28 -22.62 24.25 -1.56
CA LEU A 28 -23.36 23.98 -0.33
C LEU A 28 -23.08 25.06 0.72
N ILE A 29 -21.81 25.46 0.85
CA ILE A 29 -21.46 26.49 1.83
C ILE A 29 -22.09 27.83 1.47
N GLU A 30 -22.14 28.14 0.17
CA GLU A 30 -22.79 29.38 -0.25
C GLU A 30 -24.27 29.37 0.09
N LYS A 31 -24.93 28.23 -0.10
CA LYS A 31 -26.35 28.13 0.24
C LYS A 31 -26.56 28.23 1.74
N PHE A 32 -25.71 27.56 2.52
CA PHE A 32 -25.84 27.62 3.98
C PHE A 32 -25.60 29.04 4.50
N GLU A 33 -24.63 29.74 3.92
CA GLU A 33 -24.32 31.09 4.37
C GLU A 33 -25.42 32.08 4.00
N LYS A 34 -26.09 31.86 2.87
CA LYS A 34 -27.22 32.72 2.50
C LYS A 34 -28.37 32.57 3.48
N GLU A 35 -28.69 31.33 3.85
CA GLU A 35 -29.74 31.09 4.84
C GLU A 35 -29.31 31.38 6.26
N ASN A 36 -28.00 31.52 6.51
CA ASN A 36 -27.47 31.86 7.83
C ASN A 36 -26.40 32.92 7.66
N PRO A 37 -26.80 34.18 7.47
CA PRO A 37 -25.81 35.25 7.26
C PRO A 37 -24.93 35.51 8.48
N SER A 38 -25.21 34.88 9.61
CA SER A 38 -24.40 35.05 10.82
C SER A 38 -23.22 34.10 10.90
N ILE A 39 -23.17 33.08 10.04
CA ILE A 39 -22.15 32.04 10.11
C ILE A 39 -21.34 32.06 8.82
N THR A 40 -20.03 31.84 8.95
CA THR A 40 -19.12 31.71 7.82
C THR A 40 -18.39 30.39 7.93
N VAL A 41 -18.41 29.60 6.86
CA VAL A 41 -17.81 28.27 6.83
C VAL A 41 -16.63 28.29 5.87
N LYS A 42 -15.46 27.87 6.37
CA LYS A 42 -14.22 27.86 5.59
C LYS A 42 -13.88 26.42 5.20
N GLN A 43 -13.52 26.22 3.94
CA GLN A 43 -13.12 24.90 3.47
C GLN A 43 -11.70 24.57 3.94
N VAL A 44 -11.49 23.34 4.36
CA VAL A 44 -10.16 22.83 4.66
C VAL A 44 -9.97 21.51 3.92
N PRO A 45 -9.82 21.53 2.59
CA PRO A 45 -9.69 20.26 1.84
C PRO A 45 -8.33 19.64 2.07
N VAL A 46 -8.32 18.45 2.66
CA VAL A 46 -7.10 17.69 2.93
C VAL A 46 -7.31 16.27 2.43
N GLU A 47 -6.36 15.78 1.65
CA GLU A 47 -6.47 14.44 1.09
C GLU A 47 -6.44 13.38 2.20
N GLU A 48 -6.92 12.17 1.86
CA GLU A 48 -7.05 11.13 2.87
C GLU A 48 -5.69 10.61 3.34
N ASP A 49 -4.66 10.66 2.48
CA ASP A 49 -3.34 10.24 2.89
C ASP A 49 -2.71 11.20 3.88
N ALA A 50 -3.16 12.45 3.91
CA ALA A 50 -2.65 13.45 4.83
C ALA A 50 -3.59 13.73 5.99
N TYR A 51 -4.74 13.04 6.05
CA TYR A 51 -5.77 13.39 7.02
C TYR A 51 -5.28 13.23 8.45
N ASN A 52 -4.65 12.08 8.75
CA ASN A 52 -4.29 11.78 10.14
C ASN A 52 -3.22 12.73 10.65
N THR A 53 -2.16 12.96 9.86
CA THR A 53 -1.06 13.79 10.33
C THR A 53 -1.48 15.25 10.46
N LYS A 54 -2.46 15.69 9.67
CA LYS A 54 -2.96 17.05 9.82
C LYS A 54 -3.82 17.17 11.07
N VAL A 55 -4.64 16.16 11.36
CA VAL A 55 -5.59 16.24 12.47
C VAL A 55 -4.85 16.30 13.80
N ILE A 56 -3.88 15.39 14.00
CA ILE A 56 -3.15 15.37 15.26
C ILE A 56 -2.24 16.59 15.41
N THR A 57 -1.83 17.22 14.30
CA THR A 57 -1.03 18.43 14.40
C THR A 57 -1.90 19.60 14.86
N LEU A 58 -3.03 19.82 14.20
CA LEU A 58 -3.92 20.92 14.57
C LEU A 58 -4.53 20.69 15.95
N ALA A 59 -4.64 19.43 16.38
CA ALA A 59 -5.17 19.15 17.71
C ALA A 59 -4.14 19.49 18.79
N ARG A 60 -2.86 19.18 18.54
CA ARG A 60 -1.82 19.52 19.50
C ARG A 60 -1.70 21.02 19.67
N THR A 61 -1.87 21.77 18.59
CA THR A 61 -1.86 23.22 18.63
C THR A 61 -3.22 23.83 18.89
N GLY A 62 -4.25 23.01 19.08
CA GLY A 62 -5.57 23.52 19.40
C GLY A 62 -6.31 24.15 18.24
N ALA A 63 -5.84 23.94 17.01
CA ALA A 63 -6.45 24.52 15.82
C ALA A 63 -7.29 23.50 15.04
N LEU A 64 -8.01 22.64 15.75
CA LEU A 64 -8.83 21.63 15.08
C LEU A 64 -10.02 22.30 14.40
N PRO A 65 -10.32 21.95 13.15
CA PRO A 65 -11.53 22.48 12.52
C PRO A 65 -12.78 22.05 13.25
N GLU A 66 -13.81 22.89 13.18
CA GLU A 66 -15.02 22.64 13.96
C GLU A 66 -15.79 21.44 13.42
N VAL A 67 -15.95 21.36 12.10
CA VAL A 67 -16.63 20.24 11.45
C VAL A 67 -15.61 19.52 10.57
N ILE A 68 -15.57 18.20 10.66
CA ILE A 68 -14.60 17.39 9.92
C ILE A 68 -15.31 16.16 9.37
N GLU A 69 -15.15 15.92 8.07
CA GLU A 69 -15.63 14.68 7.47
C GLU A 69 -14.72 13.54 7.88
N VAL A 70 -15.30 12.49 8.44
CA VAL A 70 -14.54 11.36 8.98
C VAL A 70 -15.23 10.06 8.62
N SER A 71 -14.44 9.04 8.33
CA SER A 71 -14.95 7.68 8.29
C SER A 71 -15.20 7.18 9.71
N HIS A 72 -16.01 6.12 9.83
CA HIS A 72 -16.35 5.64 11.16
C HIS A 72 -15.16 5.01 11.86
N ASP A 73 -14.20 4.49 11.10
CA ASP A 73 -13.01 3.91 11.71
C ASP A 73 -12.06 4.99 12.23
N TYR A 74 -11.88 6.07 11.48
CA TYR A 74 -11.06 7.18 11.95
C TYR A 74 -11.79 8.04 12.96
N ALA A 75 -13.13 8.06 12.94
CA ALA A 75 -13.87 8.77 13.97
C ALA A 75 -13.62 8.16 15.35
N LYS A 76 -13.36 6.85 15.40
CA LYS A 76 -13.01 6.22 16.67
C LYS A 76 -11.60 6.62 17.12
N VAL A 77 -10.72 6.95 16.17
CA VAL A 77 -9.38 7.39 16.53
C VAL A 77 -9.44 8.75 17.23
N MET A 78 -10.18 9.70 16.66
CA MET A 78 -10.29 11.02 17.28
C MET A 78 -11.07 10.95 18.58
N ASP A 79 -12.08 10.07 18.66
CA ASP A 79 -12.82 9.92 19.91
C ASP A 79 -11.96 9.28 20.98
N LYS A 80 -11.09 8.35 20.60
CA LYS A 80 -10.14 7.77 21.54
C LYS A 80 -9.22 8.84 22.13
N GLU A 81 -8.83 9.80 21.31
CA GLU A 81 -8.05 10.94 21.77
C GLU A 81 -8.92 12.04 22.37
N GLN A 82 -10.22 11.79 22.54
CA GLN A 82 -11.15 12.74 23.13
C GLN A 82 -11.17 14.05 22.36
N LEU A 83 -11.13 13.96 21.03
CA LEU A 83 -11.17 15.12 20.16
C LEU A 83 -12.57 15.43 19.64
N LEU A 84 -13.56 14.61 19.98
CA LEU A 84 -14.91 14.74 19.45
C LEU A 84 -15.86 15.21 20.56
N ASP A 85 -16.70 16.18 20.22
CA ASP A 85 -17.71 16.71 21.15
C ASP A 85 -18.94 15.81 21.05
N ARG A 86 -19.02 14.81 21.93
CA ARG A 86 -20.14 13.88 21.89
C ARG A 86 -21.47 14.56 22.15
N ASP A 87 -21.47 15.62 22.96
CA ASP A 87 -22.71 16.33 23.26
C ASP A 87 -23.25 17.03 22.01
N ALA A 88 -22.38 17.75 21.29
CA ALA A 88 -22.81 18.43 20.08
C ALA A 88 -23.24 17.45 19.00
N ILE A 89 -22.54 16.32 18.90
CA ILE A 89 -22.92 15.30 17.91
C ILE A 89 -24.29 14.71 18.27
N GLY A 90 -24.51 14.40 19.54
CA GLY A 90 -25.81 13.89 19.96
C GLY A 90 -26.91 14.91 19.80
N GLU A 91 -26.61 16.19 20.01
CA GLU A 91 -27.60 17.23 19.80
C GLU A 91 -27.99 17.34 18.33
N ALA A 92 -27.01 17.18 17.42
CA ALA A 92 -27.31 17.26 16.00
C ALA A 92 -28.16 16.07 15.55
N ILE A 93 -27.80 14.86 16.00
CA ILE A 93 -28.58 13.68 15.64
C ILE A 93 -29.98 13.77 16.23
N LYS A 94 -30.09 14.32 17.44
CA LYS A 94 -31.41 14.55 18.04
C LYS A 94 -32.25 15.51 17.20
N ALA A 95 -31.60 16.49 16.57
CA ALA A 95 -32.34 17.45 15.74
C ALA A 95 -32.76 16.81 14.42
N VAL A 96 -31.83 16.10 13.77
CA VAL A 96 -32.16 15.43 12.51
C VAL A 96 -33.18 14.33 12.74
N GLY A 97 -33.14 13.69 13.92
CA GLY A 97 -34.01 12.57 14.19
C GLY A 97 -33.25 11.27 14.13
N GLU A 98 -33.22 10.53 15.24
CA GLU A 98 -32.46 9.28 15.29
C GLU A 98 -32.95 8.28 14.24
N LYS A 99 -34.23 8.35 13.86
CA LYS A 99 -34.80 7.45 12.88
C LYS A 99 -34.82 8.05 11.47
N THR A 100 -34.25 9.23 11.28
CA THR A 100 -34.03 9.73 9.93
C THR A 100 -32.95 8.94 9.20
N PHE A 101 -32.10 8.24 9.95
CA PHE A 101 -31.08 7.39 9.36
C PHE A 101 -31.59 5.97 9.25
N TYR A 102 -31.11 5.26 8.23
CA TYR A 102 -31.50 3.88 8.02
C TYR A 102 -31.04 3.00 9.16
N ASP A 103 -31.71 1.86 9.32
CA ASP A 103 -31.36 0.93 10.38
C ASP A 103 -29.95 0.36 10.16
N GLY A 104 -29.18 0.31 11.24
CA GLY A 104 -27.85 -0.24 11.19
C GLY A 104 -26.74 0.75 10.91
N ILE A 105 -27.06 2.04 10.75
CA ILE A 105 -26.06 3.05 10.44
C ILE A 105 -25.56 3.76 11.69
N LEU A 106 -26.46 4.12 12.61
CA LEU A 106 -26.05 4.75 13.85
C LEU A 106 -25.28 3.79 14.76
N ARG A 107 -25.47 2.49 14.58
CA ARG A 107 -24.83 1.52 15.47
C ARG A 107 -23.32 1.48 15.28
N VAL A 108 -22.86 1.62 14.03
CA VAL A 108 -21.43 1.46 13.77
C VAL A 108 -20.64 2.68 14.23
N VAL A 109 -21.26 3.85 14.23
CA VAL A 109 -20.56 5.08 14.62
C VAL A 109 -20.75 5.34 16.11
N ARG A 110 -21.13 4.31 16.85
CA ARG A 110 -21.33 4.46 18.29
C ARG A 110 -19.98 4.43 19.02
N THR A 111 -19.94 5.08 20.18
CA THR A 111 -18.72 5.14 20.97
C THR A 111 -18.46 3.79 21.64
N GLU A 112 -17.28 3.68 22.25
CA GLU A 112 -16.90 2.42 22.88
C GLU A 112 -17.77 2.12 24.10
N ASP A 113 -18.11 3.16 24.88
CA ASP A 113 -19.00 2.97 26.02
C ASP A 113 -20.47 2.90 25.64
N GLY A 114 -20.80 3.17 24.37
CA GLY A 114 -22.17 3.07 23.91
C GLY A 114 -23.09 4.16 24.38
N THR A 115 -22.57 5.27 24.91
CA THR A 115 -23.41 6.34 25.41
C THR A 115 -23.75 7.38 24.35
N ALA A 116 -22.89 7.57 23.36
CA ALA A 116 -23.09 8.61 22.35
C ALA A 116 -22.62 8.07 21.01
N TRP A 117 -22.42 8.98 20.05
CA TRP A 117 -21.94 8.63 18.72
C TRP A 117 -20.67 9.41 18.41
N THR A 118 -19.96 8.97 17.37
CA THR A 118 -18.72 9.61 16.96
C THR A 118 -18.93 10.65 15.86
N GLY A 119 -20.12 10.70 15.25
CA GLY A 119 -20.38 11.65 14.20
C GLY A 119 -21.78 11.46 13.67
N VAL A 120 -22.20 12.41 12.84
CA VAL A 120 -23.51 12.38 12.20
C VAL A 120 -23.33 11.79 10.81
N PRO A 121 -23.81 10.57 10.55
CA PRO A 121 -23.55 9.94 9.25
C PRO A 121 -24.21 10.69 8.10
N ILE A 122 -23.49 10.75 6.97
CA ILE A 122 -24.02 11.38 5.77
C ILE A 122 -24.00 10.47 4.56
N SER A 123 -23.15 9.44 4.52
CA SER A 123 -23.12 8.50 3.41
C SER A 123 -22.42 7.23 3.88
N ALA A 124 -22.40 6.22 3.00
CA ALA A 124 -21.70 4.98 3.28
C ALA A 124 -21.60 4.18 1.98
N TRP A 125 -20.48 3.47 1.81
CA TRP A 125 -20.33 2.53 0.72
C TRP A 125 -20.30 1.11 1.29
N LEU A 126 -20.82 0.17 0.50
CA LEU A 126 -20.96 -1.21 0.93
C LEU A 126 -20.09 -2.12 0.07
N SER A 127 -19.77 -3.29 0.62
CA SER A 127 -18.97 -4.28 -0.07
C SER A 127 -19.61 -5.66 0.06
N GLY A 128 -19.61 -6.40 -1.04
CA GLY A 128 -20.16 -7.73 -1.02
C GLY A 128 -19.72 -8.51 -2.24
N VAL A 129 -20.44 -9.60 -2.51
CA VAL A 129 -20.14 -10.46 -3.64
C VAL A 129 -21.02 -10.05 -4.81
N TRP A 130 -20.41 -9.42 -5.81
CA TRP A 130 -21.09 -9.07 -7.04
C TRP A 130 -21.00 -10.22 -8.04
N TYR A 131 -21.90 -10.22 -9.02
CA TYR A 131 -21.88 -11.27 -10.02
C TYR A 131 -22.56 -10.77 -11.29
N HIS A 132 -22.17 -11.37 -12.42
CA HIS A 132 -22.83 -11.12 -13.69
C HIS A 132 -24.09 -11.97 -13.76
N LYS A 133 -25.25 -11.32 -13.93
CA LYS A 133 -26.52 -12.05 -13.91
C LYS A 133 -26.62 -13.05 -15.05
N ASP A 134 -26.15 -12.67 -16.24
CA ASP A 134 -26.30 -13.54 -17.41
C ASP A 134 -25.47 -14.81 -17.29
N VAL A 135 -24.29 -14.73 -16.66
CA VAL A 135 -23.44 -15.90 -16.53
C VAL A 135 -24.08 -16.93 -15.60
N LEU A 136 -24.56 -16.47 -14.45
CA LEU A 136 -25.17 -17.39 -13.49
C LEU A 136 -26.51 -17.92 -13.99
N ALA A 137 -27.30 -17.05 -14.64
CA ALA A 137 -28.61 -17.49 -15.14
C ALA A 137 -28.47 -18.49 -16.27
N ALA A 138 -27.44 -18.35 -17.11
CA ALA A 138 -27.26 -19.31 -18.20
C ALA A 138 -26.84 -20.68 -17.67
N ALA A 139 -26.00 -20.70 -16.64
CA ALA A 139 -25.53 -21.95 -16.05
C ALA A 139 -26.53 -22.59 -15.11
N GLY A 140 -27.69 -21.95 -14.88
CA GLY A 140 -28.66 -22.49 -13.96
C GLY A 140 -28.28 -22.33 -12.51
N ILE A 141 -27.47 -21.33 -12.19
CA ILE A 141 -27.02 -21.08 -10.82
C ILE A 141 -27.85 -19.94 -10.27
N LYS A 142 -28.74 -20.24 -9.32
CA LYS A 142 -29.51 -19.20 -8.67
C LYS A 142 -28.64 -18.43 -7.68
N GLU A 143 -29.16 -17.32 -7.20
CA GLU A 143 -28.44 -16.47 -6.27
C GLU A 143 -28.17 -17.24 -4.97
N PRO A 144 -26.92 -17.40 -4.56
CA PRO A 144 -26.63 -18.19 -3.35
C PRO A 144 -27.31 -17.60 -2.11
N HIS A 145 -27.77 -18.47 -1.24
CA HIS A 145 -28.42 -18.09 0.01
C HIS A 145 -27.60 -18.41 1.24
N ASN A 146 -26.43 -19.03 1.08
CA ASN A 146 -25.57 -19.35 2.20
C ASN A 146 -24.15 -19.54 1.69
N TRP A 147 -23.25 -19.94 2.60
CA TRP A 147 -21.88 -20.24 2.23
C TRP A 147 -21.82 -21.38 1.22
N GLN A 148 -22.50 -22.49 1.53
CA GLN A 148 -22.39 -23.69 0.70
C GLN A 148 -22.83 -23.42 -0.73
N GLN A 149 -23.94 -22.70 -0.91
CA GLN A 149 -24.40 -22.40 -2.26
C GLN A 149 -23.46 -21.42 -2.97
N LEU A 150 -22.82 -20.52 -2.22
CA LEU A 150 -21.86 -19.62 -2.84
C LEU A 150 -20.59 -20.37 -3.24
N LEU A 151 -20.10 -21.26 -2.38
CA LEU A 151 -18.90 -22.01 -2.68
C LEU A 151 -19.12 -22.97 -3.85
N LYS A 152 -20.30 -23.61 -3.89
CA LYS A 152 -20.60 -24.51 -4.99
C LYS A 152 -20.60 -23.77 -6.32
N ALA A 153 -21.24 -22.59 -6.35
CA ALA A 153 -21.31 -21.82 -7.58
C ALA A 153 -19.91 -21.43 -8.07
N SER A 154 -19.00 -21.11 -7.15
CA SER A 154 -17.64 -20.81 -7.55
C SER A 154 -16.91 -22.04 -8.09
N GLN A 155 -17.33 -23.23 -7.65
CA GLN A 155 -16.68 -24.45 -8.11
C GLN A 155 -17.13 -24.83 -9.52
N MET A 156 -18.41 -24.65 -9.83
CA MET A 156 -18.87 -24.90 -11.19
C MET A 156 -18.27 -23.91 -12.17
N LEU A 157 -18.13 -22.66 -11.76
CA LEU A 157 -17.62 -21.60 -12.62
C LEU A 157 -16.09 -21.53 -12.63
N ASN A 158 -15.42 -22.35 -11.83
CA ASN A 158 -13.96 -22.40 -11.84
C ASN A 158 -13.48 -23.25 -13.01
N ASP A 159 -12.66 -22.67 -13.86
CA ASP A 159 -12.05 -23.38 -14.99
C ASP A 159 -10.63 -22.86 -15.18
N PRO A 160 -9.67 -23.37 -14.39
CA PRO A 160 -8.28 -22.91 -14.56
C PRO A 160 -7.69 -23.26 -15.90
N ALA A 161 -8.27 -24.20 -16.64
CA ALA A 161 -7.79 -24.52 -17.98
C ALA A 161 -8.04 -23.39 -18.97
N LYS A 162 -8.98 -22.50 -18.67
CA LYS A 162 -9.28 -21.34 -19.52
C LYS A 162 -8.90 -20.02 -18.88
N LYS A 163 -8.10 -20.06 -17.81
CA LYS A 163 -7.79 -18.89 -16.99
C LYS A 163 -9.04 -18.20 -16.48
N HIS A 164 -10.15 -18.93 -16.36
CA HIS A 164 -11.40 -18.43 -15.82
C HIS A 164 -11.55 -18.92 -14.39
N TYR A 165 -12.04 -18.06 -13.51
CA TYR A 165 -12.11 -18.37 -12.09
C TYR A 165 -13.50 -18.07 -11.57
N GLY A 166 -13.96 -18.92 -10.63
CA GLY A 166 -15.34 -18.82 -10.17
C GLY A 166 -15.64 -17.53 -9.44
N ILE A 167 -14.70 -17.06 -8.63
CA ILE A 167 -14.91 -15.85 -7.83
C ILE A 167 -13.58 -15.14 -7.69
N ALA A 168 -13.62 -13.81 -7.71
CA ALA A 168 -12.46 -12.98 -7.43
C ALA A 168 -12.47 -12.63 -5.95
N LEU A 169 -11.60 -13.27 -5.18
CA LEU A 169 -11.59 -13.14 -3.73
C LEU A 169 -10.30 -12.49 -3.27
N PRO A 170 -10.37 -11.45 -2.43
CA PRO A 170 -9.14 -10.76 -1.99
C PRO A 170 -8.31 -11.65 -1.08
N THR A 171 -7.00 -11.68 -1.35
CA THR A 171 -6.07 -12.48 -0.57
C THR A 171 -4.78 -11.74 -0.21
N ALA A 172 -4.63 -10.48 -0.60
CA ALA A 172 -3.41 -9.74 -0.32
C ALA A 172 -3.41 -9.26 1.13
N GLU A 173 -2.23 -8.81 1.58
CA GLU A 173 -2.08 -8.27 2.93
C GLU A 173 -2.48 -6.80 2.92
N SER A 174 -3.79 -6.57 2.86
CA SER A 174 -4.33 -5.22 2.79
C SER A 174 -5.66 -5.17 3.53
N VAL A 175 -6.16 -3.95 3.73
CA VAL A 175 -7.38 -3.76 4.51
C VAL A 175 -8.59 -4.37 3.81
N MET A 176 -8.54 -4.49 2.48
CA MET A 176 -9.67 -5.08 1.76
C MET A 176 -9.84 -6.56 2.08
N THR A 177 -8.73 -7.29 2.17
CA THR A 177 -8.82 -8.71 2.54
C THR A 177 -9.42 -8.88 3.93
N GLU A 178 -9.01 -8.03 4.89
CA GLU A 178 -9.65 -8.03 6.18
C GLU A 178 -11.12 -7.66 6.06
N GLN A 179 -11.44 -6.75 5.13
CA GLN A 179 -12.83 -6.38 4.90
C GLN A 179 -13.61 -7.55 4.31
N ALA A 180 -13.06 -8.19 3.29
CA ALA A 180 -13.75 -9.30 2.65
C ALA A 180 -13.90 -10.48 3.59
N PHE A 181 -12.85 -10.81 4.35
CA PHE A 181 -12.93 -11.91 5.30
C PHE A 181 -13.90 -11.59 6.44
N SER A 182 -14.09 -10.29 6.73
CA SER A 182 -14.95 -9.90 7.85
C SER A 182 -16.39 -10.33 7.63
N GLN A 183 -16.93 -10.08 6.44
CA GLN A 183 -18.32 -10.42 6.19
C GLN A 183 -18.56 -11.92 6.15
N PHE A 184 -17.50 -12.72 6.02
CA PHE A 184 -17.63 -14.16 6.23
C PHE A 184 -17.45 -14.53 7.69
N ALA A 185 -16.52 -13.87 8.39
CA ALA A 185 -16.35 -14.11 9.81
C ALA A 185 -17.58 -13.65 10.59
N LEU A 186 -18.17 -12.52 10.21
CA LEU A 186 -19.31 -12.00 10.94
C LEU A 186 -20.60 -12.75 10.60
N SER A 187 -20.77 -13.14 9.33
CA SER A 187 -21.93 -13.94 8.97
C SER A 187 -21.89 -15.30 9.65
N GLY A 188 -20.69 -15.81 9.93
CA GLY A 188 -20.53 -17.03 10.70
C GLY A 188 -20.61 -16.84 12.20
N GLY A 189 -20.87 -15.61 12.66
CA GLY A 189 -21.02 -15.35 14.08
C GLY A 189 -19.72 -15.11 14.84
N ALA A 190 -18.69 -14.63 14.17
CA ALA A 190 -17.39 -14.40 14.80
C ALA A 190 -17.00 -12.94 14.65
N ASN A 191 -16.55 -12.34 15.76
CA ASN A 191 -16.01 -10.99 15.76
C ASN A 191 -14.64 -11.00 16.41
N VAL A 192 -13.85 -9.98 16.09
CA VAL A 192 -12.54 -9.84 16.71
C VAL A 192 -12.67 -9.60 18.21
N PHE A 193 -13.72 -8.88 18.60
CA PHE A 193 -13.95 -8.51 19.99
C PHE A 193 -15.19 -9.20 20.53
N ASP A 194 -15.22 -9.38 21.85
CA ASP A 194 -16.39 -9.86 22.55
C ASP A 194 -17.13 -8.68 23.18
N ALA A 195 -18.18 -8.99 23.95
CA ALA A 195 -18.98 -7.94 24.56
C ALA A 195 -18.20 -7.19 25.66
N GLN A 196 -17.15 -7.78 26.20
CA GLN A 196 -16.35 -7.13 27.23
C GLN A 196 -15.20 -6.31 26.66
N GLY A 197 -15.02 -6.31 25.35
CA GLY A 197 -13.95 -5.56 24.72
C GLY A 197 -12.64 -6.28 24.60
N ASN A 198 -12.61 -7.58 24.86
CA ASN A 198 -11.37 -8.36 24.77
C ASN A 198 -11.20 -8.90 23.36
N ILE A 199 -9.94 -9.00 22.93
CA ILE A 199 -9.61 -9.59 21.65
C ILE A 199 -9.63 -11.11 21.80
N GLN A 200 -10.41 -11.78 20.95
CA GLN A 200 -10.48 -13.24 20.97
C GLN A 200 -10.89 -13.71 19.57
N ILE A 201 -9.90 -14.10 18.77
CA ILE A 201 -10.15 -14.59 17.43
C ILE A 201 -9.97 -16.10 17.30
N ASP A 202 -9.34 -16.76 18.28
CA ASP A 202 -9.21 -18.22 18.24
C ASP A 202 -10.47 -18.81 18.87
N THR A 203 -11.50 -18.94 18.03
CA THR A 203 -12.80 -19.48 18.41
C THR A 203 -13.28 -20.39 17.29
N PRO A 204 -14.12 -21.39 17.60
CA PRO A 204 -14.64 -22.26 16.55
C PRO A 204 -15.39 -21.52 15.45
N GLU A 205 -16.06 -20.42 15.79
CA GLU A 205 -16.78 -19.65 14.78
C GLU A 205 -15.82 -18.97 13.81
N MET A 206 -14.72 -18.43 14.32
CA MET A 206 -13.75 -17.79 13.43
C MET A 206 -12.95 -18.81 12.64
N LEU A 207 -12.56 -19.92 13.28
CA LEU A 207 -11.86 -20.98 12.57
C LEU A 207 -12.72 -21.55 11.44
N ASN A 208 -14.03 -21.63 11.67
CA ASN A 208 -14.94 -22.10 10.62
C ASN A 208 -14.98 -21.13 9.45
N ALA A 209 -15.06 -19.83 9.74
CA ALA A 209 -15.08 -18.84 8.66
C ALA A 209 -13.75 -18.74 7.96
N LEU A 210 -12.65 -18.88 8.71
CA LEU A 210 -11.33 -18.91 8.08
C LEU A 210 -11.16 -20.14 7.20
N ALA A 211 -11.78 -21.26 7.58
CA ALA A 211 -11.71 -22.46 6.76
C ALA A 211 -12.53 -22.31 5.48
N PHE A 212 -13.70 -21.67 5.57
CA PHE A 212 -14.52 -21.49 4.38
C PHE A 212 -13.90 -20.50 3.40
N TYR A 213 -13.33 -19.41 3.93
CA TYR A 213 -12.61 -18.47 3.08
C TYR A 213 -11.47 -19.17 2.35
N LYS A 214 -10.80 -20.10 3.03
CA LYS A 214 -9.76 -20.90 2.38
C LYS A 214 -10.35 -21.78 1.28
N GLU A 215 -11.52 -22.38 1.53
CA GLU A 215 -12.17 -23.19 0.51
C GLU A 215 -12.64 -22.33 -0.65
N LEU A 216 -13.19 -21.14 -0.36
CA LEU A 216 -13.60 -20.23 -1.42
C LEU A 216 -12.39 -19.70 -2.19
N ALA A 217 -11.24 -19.58 -1.53
CA ALA A 217 -10.02 -19.14 -2.20
C ALA A 217 -9.46 -20.20 -3.14
N LYS A 218 -9.94 -21.43 -3.08
CA LYS A 218 -9.55 -22.45 -4.04
C LYS A 218 -10.19 -22.24 -5.41
N ASN A 219 -11.04 -21.24 -5.55
CA ASN A 219 -11.75 -20.96 -6.79
C ASN A 219 -11.48 -19.54 -7.29
N THR A 220 -10.33 -18.99 -6.94
CA THR A 220 -9.98 -17.62 -7.30
C THR A 220 -8.67 -17.61 -8.10
N MET A 221 -8.26 -16.41 -8.50
CA MET A 221 -7.01 -16.26 -9.22
C MET A 221 -5.84 -16.69 -8.34
N PRO A 222 -4.86 -17.42 -8.89
CA PRO A 222 -3.75 -17.87 -8.06
C PRO A 222 -2.85 -16.73 -7.63
N GLY A 223 -2.25 -16.89 -6.45
CA GLY A 223 -1.37 -15.89 -5.90
C GLY A 223 -2.06 -14.92 -4.96
N SER A 224 -1.47 -13.74 -4.83
CA SER A 224 -1.99 -12.69 -3.96
C SER A 224 -2.84 -11.74 -4.79
N ASN A 225 -4.14 -11.72 -4.51
CA ASN A 225 -5.09 -10.92 -5.27
C ASN A 225 -5.34 -9.60 -4.56
N ASP A 226 -4.99 -8.49 -5.23
CA ASP A 226 -5.18 -7.16 -4.68
C ASP A 226 -6.45 -6.53 -5.26
N VAL A 227 -6.71 -5.29 -4.83
CA VAL A 227 -7.95 -4.61 -5.23
C VAL A 227 -8.03 -4.47 -6.75
N MET A 228 -6.91 -4.14 -7.39
CA MET A 228 -6.92 -3.93 -8.83
C MET A 228 -7.13 -5.24 -9.59
N GLU A 229 -6.51 -6.33 -9.12
CA GLU A 229 -6.70 -7.62 -9.77
C GLU A 229 -8.14 -8.10 -9.64
N ILE A 230 -8.81 -7.76 -8.54
CA ILE A 230 -10.22 -8.11 -8.38
C ILE A 230 -11.08 -7.34 -9.38
N LYS A 231 -10.85 -6.04 -9.49
CA LYS A 231 -11.64 -5.22 -10.40
C LYS A 231 -11.45 -5.67 -11.85
N ASP A 232 -10.21 -5.88 -12.27
CA ASP A 232 -9.95 -6.28 -13.65
C ASP A 232 -10.53 -7.65 -13.95
N ALA A 233 -10.44 -8.58 -12.99
CA ALA A 233 -10.96 -9.92 -13.22
C ALA A 233 -12.47 -9.92 -13.39
N PHE A 234 -13.17 -9.10 -12.61
CA PHE A 234 -14.62 -9.00 -12.75
C PHE A 234 -15.02 -8.24 -14.00
N MET A 235 -14.20 -7.27 -14.43
CA MET A 235 -14.56 -6.45 -15.57
C MET A 235 -14.25 -7.14 -16.90
N ASN A 236 -13.12 -7.83 -16.99
CA ASN A 236 -12.72 -8.43 -18.26
C ASN A 236 -13.42 -9.77 -18.52
N GLY A 237 -14.15 -10.30 -17.55
CA GLY A 237 -14.88 -11.54 -17.72
C GLY A 237 -14.17 -12.79 -17.26
N SER A 238 -12.96 -12.66 -16.71
CA SER A 238 -12.25 -13.84 -16.21
C SER A 238 -12.83 -14.37 -14.91
N ALA A 239 -13.69 -13.61 -14.25
CA ALA A 239 -14.34 -14.05 -13.01
C ALA A 239 -15.77 -13.52 -12.96
N PRO A 240 -16.77 -14.38 -13.08
CA PRO A 240 -18.17 -13.91 -13.04
C PRO A 240 -18.61 -13.41 -11.68
N MET A 241 -17.89 -13.71 -10.61
CA MET A 241 -18.20 -13.23 -9.27
C MET A 241 -16.98 -12.57 -8.67
N ALA A 242 -17.21 -11.57 -7.81
CA ALA A 242 -16.12 -10.83 -7.21
C ALA A 242 -16.59 -10.17 -5.93
N VAL A 243 -15.68 -10.07 -4.96
CA VAL A 243 -15.92 -9.37 -3.71
C VAL A 243 -15.33 -7.98 -3.86
N TYR A 244 -16.19 -6.97 -3.94
CA TYR A 244 -15.76 -5.60 -4.19
C TYR A 244 -16.69 -4.65 -3.46
N SER A 245 -16.27 -3.38 -3.37
CA SER A 245 -17.10 -2.35 -2.77
C SER A 245 -18.15 -1.88 -3.76
N THR A 246 -19.03 -0.98 -3.31
CA THR A 246 -20.04 -0.41 -4.20
C THR A 246 -19.42 0.50 -5.26
N TYR A 247 -18.12 0.78 -5.19
CA TYR A 247 -17.44 1.53 -6.23
C TYR A 247 -17.37 0.77 -7.55
N ILE A 248 -17.79 -0.50 -7.57
CA ILE A 248 -17.91 -1.22 -8.83
C ILE A 248 -19.07 -0.70 -9.66
N LEU A 249 -20.01 0.02 -9.04
CA LEU A 249 -21.16 0.54 -9.79
C LEU A 249 -20.74 1.58 -10.82
N PRO A 250 -19.93 2.59 -10.49
CA PRO A 250 -19.48 3.52 -11.54
C PRO A 250 -18.64 2.83 -12.62
N ALA A 251 -17.85 1.82 -12.25
CA ALA A 251 -17.08 1.09 -13.25
C ALA A 251 -18.00 0.32 -14.19
N VAL A 252 -19.08 -0.25 -13.66
CA VAL A 252 -20.03 -0.99 -14.49
C VAL A 252 -20.87 -0.03 -15.32
N PHE A 253 -21.19 1.15 -14.79
CA PHE A 253 -21.94 2.12 -15.58
C PHE A 253 -21.11 2.67 -16.73
N LYS A 254 -19.79 2.73 -16.57
CA LYS A 254 -18.92 3.33 -17.57
C LYS A 254 -18.47 2.32 -18.62
N GLU A 255 -17.98 1.16 -18.19
CA GLU A 255 -17.39 0.18 -19.11
C GLU A 255 -18.11 -1.16 -19.09
N GLY A 256 -19.29 -1.26 -18.47
CA GLY A 256 -19.95 -2.54 -18.32
C GLY A 256 -21.44 -2.43 -18.62
N ASP A 257 -22.19 -3.31 -17.97
CA ASP A 257 -23.64 -3.42 -18.18
C ASP A 257 -24.31 -3.26 -16.82
N PRO A 258 -24.95 -2.12 -16.55
CA PRO A 258 -25.56 -1.93 -15.22
C PRO A 258 -26.69 -2.90 -14.92
N ALA A 259 -27.52 -3.23 -15.92
CA ALA A 259 -28.60 -4.18 -15.70
C ALA A 259 -28.11 -5.61 -15.50
N ASN A 260 -26.83 -5.87 -15.72
CA ASN A 260 -26.25 -7.20 -15.57
C ASN A 260 -25.60 -7.41 -14.21
N LEU A 261 -25.61 -6.39 -13.35
CA LEU A 261 -24.93 -6.48 -12.05
C LEU A 261 -25.89 -7.01 -10.99
N GLY A 262 -25.47 -8.07 -10.31
CA GLY A 262 -26.22 -8.62 -9.20
C GLY A 262 -25.42 -8.53 -7.91
N PHE A 263 -26.10 -8.79 -6.80
CA PHE A 263 -25.50 -8.66 -5.48
C PHE A 263 -26.01 -9.77 -4.58
N VAL A 264 -25.08 -10.47 -3.92
CA VAL A 264 -25.43 -11.46 -2.89
C VAL A 264 -24.70 -11.08 -1.61
N VAL A 265 -25.31 -11.41 -0.49
CA VAL A 265 -24.77 -11.11 0.84
C VAL A 265 -24.27 -12.42 1.45
N PRO A 266 -22.99 -12.51 1.82
CA PRO A 266 -22.50 -13.71 2.50
C PRO A 266 -23.30 -13.99 3.77
N THR A 267 -23.95 -15.15 3.79
CA THR A 267 -24.87 -15.52 4.85
C THR A 267 -24.55 -16.93 5.35
N GLU A 268 -24.58 -17.10 6.67
CA GLU A 268 -24.42 -18.42 7.27
C GLU A 268 -25.23 -18.52 8.54
N LYS A 269 -24.71 -17.96 9.64
CA LYS A 269 -25.49 -17.80 10.86
C LYS A 269 -26.28 -16.50 10.84
N SER A 270 -25.71 -15.45 10.25
CA SER A 270 -26.39 -14.19 10.01
C SER A 270 -26.04 -13.71 8.62
N SER A 271 -26.59 -12.57 8.24
CA SER A 271 -26.23 -11.91 6.98
C SER A 271 -25.30 -10.75 7.28
N ALA A 272 -24.14 -10.74 6.62
CA ALA A 272 -23.10 -9.76 6.90
C ALA A 272 -22.68 -9.07 5.61
N VAL A 273 -22.86 -7.76 5.56
CA VAL A 273 -22.32 -6.91 4.51
C VAL A 273 -21.40 -5.90 5.17
N TYR A 274 -20.27 -5.63 4.53
CA TYR A 274 -19.33 -4.65 5.06
C TYR A 274 -19.70 -3.26 4.57
N GLY A 275 -19.49 -2.27 5.44
CA GLY A 275 -19.72 -0.89 5.08
C GLY A 275 -18.83 0.07 5.84
N MET A 276 -18.41 1.13 5.16
CA MET A 276 -17.70 2.24 5.79
C MET A 276 -18.59 3.46 5.77
N VAL A 277 -18.93 3.97 6.95
CA VAL A 277 -19.84 5.11 7.07
C VAL A 277 -19.03 6.39 7.15
N THR A 278 -19.37 7.35 6.30
CA THR A 278 -18.78 8.68 6.32
C THR A 278 -19.71 9.61 7.09
N SER A 279 -19.16 10.32 8.07
CA SER A 279 -19.96 11.16 8.94
C SER A 279 -19.37 12.57 9.01
N LEU A 280 -20.20 13.51 9.44
CA LEU A 280 -19.78 14.88 9.75
C LEU A 280 -19.72 15.01 11.26
N THR A 281 -18.51 15.03 11.81
CA THR A 281 -18.31 15.07 13.25
C THR A 281 -18.04 16.50 13.73
N ILE A 282 -18.15 16.69 15.03
CA ILE A 282 -17.92 17.98 15.67
C ILE A 282 -16.85 17.81 16.73
N THR A 283 -15.84 18.67 16.71
CA THR A 283 -14.65 18.51 17.53
C THR A 283 -14.76 19.31 18.83
N THR A 284 -13.89 18.94 19.78
CA THR A 284 -13.80 19.61 21.08
C THR A 284 -12.78 20.74 21.00
N GLY A 285 -12.65 21.49 22.08
CA GLY A 285 -11.72 22.59 22.12
C GLY A 285 -12.17 23.82 21.35
N GLN A 286 -13.47 24.00 21.18
CA GLN A 286 -14.02 25.13 20.45
C GLN A 286 -14.83 26.01 21.39
N THR A 287 -15.01 27.26 20.98
CA THR A 287 -15.86 28.17 21.73
C THR A 287 -17.33 27.75 21.61
N GLU A 288 -18.14 28.22 22.56
CA GLU A 288 -19.56 27.88 22.53
C GLU A 288 -20.24 28.44 21.29
N GLU A 289 -19.76 29.57 20.78
CA GLU A 289 -20.31 30.12 19.54
C GLU A 289 -19.95 29.25 18.35
N GLU A 290 -18.73 28.71 18.33
CA GLU A 290 -18.32 27.84 17.23
C GLU A 290 -19.05 26.51 17.29
N THR A 291 -19.25 25.97 18.50
CA THR A 291 -19.91 24.68 18.63
C THR A 291 -21.36 24.73 18.16
N LYS A 292 -22.09 25.77 18.56
CA LYS A 292 -23.48 25.91 18.12
C LYS A 292 -23.55 26.14 16.61
N ALA A 293 -22.56 26.84 16.04
CA ALA A 293 -22.50 26.98 14.59
C ALA A 293 -22.13 25.66 13.92
N ALA A 294 -21.33 24.82 14.58
CA ALA A 294 -21.01 23.51 14.03
C ALA A 294 -22.23 22.61 14.03
N GLU A 295 -23.06 22.68 15.09
CA GLU A 295 -24.30 21.93 15.11
C GLU A 295 -25.23 22.38 13.99
N LYS A 296 -25.26 23.68 13.71
CA LYS A 296 -26.17 24.21 12.70
C LYS A 296 -25.78 23.73 11.31
N PHE A 297 -24.49 23.76 10.98
CA PHE A 297 -24.05 23.33 9.65
C PHE A 297 -24.26 21.84 9.46
N VAL A 298 -23.95 21.04 10.48
CA VAL A 298 -24.13 19.59 10.38
C VAL A 298 -25.60 19.24 10.23
N THR A 299 -26.47 19.88 11.03
CA THR A 299 -27.90 19.67 10.90
C THR A 299 -28.41 20.14 9.53
N TRP A 300 -27.94 21.31 9.09
CA TRP A 300 -28.33 21.81 7.77
C TRP A 300 -27.87 20.88 6.66
N MET A 301 -26.77 20.16 6.87
CA MET A 301 -26.29 19.23 5.85
C MET A 301 -27.15 17.98 5.75
N GLU A 302 -27.97 17.70 6.75
CA GLU A 302 -28.83 16.52 6.74
C GLU A 302 -30.20 16.80 6.13
N GLN A 303 -30.44 18.00 5.62
CA GLN A 303 -31.66 18.26 4.90
C GLN A 303 -31.68 17.47 3.59
N ALA A 304 -32.87 17.37 3.00
CA ALA A 304 -33.08 16.48 1.86
C ALA A 304 -32.14 16.79 0.71
N GLN A 305 -32.17 18.04 0.22
CA GLN A 305 -31.34 18.38 -0.93
C GLN A 305 -29.88 18.52 -0.56
N ASN A 306 -29.57 18.84 0.69
CA ASN A 306 -28.18 19.01 1.09
C ASN A 306 -27.47 17.66 1.22
N ALA A 307 -28.12 16.68 1.85
CA ALA A 307 -27.52 15.36 1.98
C ALA A 307 -27.45 14.66 0.63
N SER A 308 -28.45 14.87 -0.23
CA SER A 308 -28.43 14.28 -1.56
C SER A 308 -27.31 14.87 -2.41
N ASP A 309 -27.08 16.18 -2.28
CA ASP A 309 -25.97 16.80 -3.02
C ASP A 309 -24.63 16.27 -2.57
N TRP A 310 -24.50 15.90 -1.29
CA TRP A 310 -23.25 15.32 -0.81
C TRP A 310 -23.09 13.87 -1.27
N VAL A 311 -24.18 13.09 -1.22
CA VAL A 311 -24.10 11.70 -1.61
C VAL A 311 -23.81 11.55 -3.10
N MET A 312 -24.45 12.39 -3.92
CA MET A 312 -24.31 12.27 -5.36
C MET A 312 -22.96 12.75 -5.89
N MET A 313 -22.02 13.14 -5.02
CA MET A 313 -20.67 13.40 -5.47
C MET A 313 -20.00 12.13 -5.99
N SER A 314 -20.48 10.96 -5.57
CA SER A 314 -20.05 9.67 -6.09
C SER A 314 -21.30 8.85 -6.36
N PRO A 315 -21.93 9.04 -7.52
CA PRO A 315 -23.19 8.32 -7.81
C PRO A 315 -22.97 6.82 -7.82
N GLY A 316 -23.91 6.10 -7.22
CA GLY A 316 -23.83 4.65 -7.15
C GLY A 316 -22.90 4.10 -6.09
N ALA A 317 -21.64 4.56 -6.08
CA ALA A 317 -20.69 4.09 -5.08
C ALA A 317 -21.09 4.54 -3.67
N ALA A 318 -21.30 5.84 -3.49
CA ALA A 318 -21.74 6.36 -2.21
C ALA A 318 -23.25 6.20 -2.07
N LEU A 319 -23.69 5.64 -0.96
CA LEU A 319 -25.11 5.38 -0.74
C LEU A 319 -25.65 6.28 0.36
N PRO A 320 -26.93 6.69 0.26
CA PRO A 320 -27.50 7.59 1.28
C PRO A 320 -27.82 6.83 2.56
N VAL A 321 -27.25 7.29 3.67
CA VAL A 321 -27.66 6.82 4.99
C VAL A 321 -28.80 7.64 5.54
N ASN A 322 -29.14 8.76 4.90
CA ASN A 322 -30.27 9.60 5.28
C ASN A 322 -31.47 9.22 4.44
N LYS A 323 -32.61 8.98 5.10
CA LYS A 323 -33.80 8.50 4.41
C LYS A 323 -34.44 9.56 3.51
N LEU A 324 -34.03 10.82 3.62
CA LEU A 324 -34.64 11.88 2.82
C LEU A 324 -34.08 11.97 1.41
N VAL A 325 -32.99 11.25 1.12
CA VAL A 325 -32.29 11.45 -0.15
C VAL A 325 -33.02 10.78 -1.30
N VAL A 326 -33.56 9.57 -1.08
CA VAL A 326 -34.18 8.83 -2.17
C VAL A 326 -35.39 9.55 -2.74
N ASP A 327 -36.03 10.41 -1.93
CA ASP A 327 -37.16 11.19 -2.41
C ASP A 327 -36.74 12.45 -3.15
N THR A 328 -35.47 12.85 -3.05
CA THR A 328 -35.00 14.02 -3.76
C THR A 328 -34.90 13.74 -5.26
N GLU A 329 -35.01 14.81 -6.05
CA GLU A 329 -35.01 14.67 -7.50
C GLU A 329 -33.62 14.42 -8.06
N SER A 330 -32.57 14.94 -7.40
CA SER A 330 -31.21 14.71 -7.86
C SER A 330 -30.81 13.24 -7.78
N TRP A 331 -31.51 12.45 -6.97
CA TRP A 331 -31.25 11.02 -6.84
C TRP A 331 -32.10 10.19 -7.80
N LYS A 332 -33.40 10.49 -7.87
CA LYS A 332 -34.33 9.66 -8.62
C LYS A 332 -34.07 9.72 -10.11
N ASN A 333 -33.58 10.85 -10.62
CA ASN A 333 -33.31 11.02 -12.04
C ASN A 333 -31.82 10.90 -12.37
N ASN A 334 -31.00 10.45 -11.42
CA ASN A 334 -29.59 10.23 -11.71
C ASN A 334 -29.43 9.06 -12.68
N GLU A 335 -28.62 9.25 -13.71
CA GLU A 335 -28.48 8.23 -14.75
C GLU A 335 -27.86 6.95 -14.19
N VAL A 336 -26.88 7.09 -13.29
CA VAL A 336 -26.27 5.91 -12.69
C VAL A 336 -27.27 5.18 -11.80
N ILE A 337 -28.07 5.93 -11.05
CA ILE A 337 -29.08 5.31 -10.19
C ILE A 337 -30.17 4.65 -11.02
N LYS A 338 -30.61 5.33 -12.10
CA LYS A 338 -31.64 4.77 -12.94
C LYS A 338 -31.16 3.55 -13.72
N ALA A 339 -29.87 3.51 -14.05
CA ALA A 339 -29.36 2.42 -14.88
C ALA A 339 -29.35 1.10 -14.10
N PHE A 340 -29.08 1.14 -12.80
CA PHE A 340 -29.00 -0.06 -11.99
C PHE A 340 -30.36 -0.53 -11.47
N GLY A 341 -31.45 0.14 -11.86
CA GLY A 341 -32.78 -0.29 -11.50
C GLY A 341 -33.03 -0.37 -10.00
N GLN A 342 -33.28 -1.58 -9.50
CA GLN A 342 -33.59 -1.80 -8.10
C GLN A 342 -32.36 -2.11 -7.25
N LEU A 343 -31.18 -2.23 -7.88
CA LEU A 343 -29.97 -2.57 -7.12
C LEU A 343 -29.61 -1.51 -6.08
N PRO A 344 -29.64 -0.20 -6.36
CA PRO A 344 -29.31 0.76 -5.30
C PRO A 344 -30.23 0.68 -4.10
N TYR A 345 -31.49 0.31 -4.30
CA TYR A 345 -32.40 0.17 -3.16
C TYR A 345 -32.20 -1.16 -2.45
N GLU A 346 -31.88 -2.23 -3.21
CA GLU A 346 -31.52 -3.49 -2.59
C GLU A 346 -30.27 -3.33 -1.74
N LEU A 347 -29.31 -2.53 -2.21
CA LEU A 347 -28.13 -2.23 -1.41
C LEU A 347 -28.49 -1.40 -0.18
N ILE A 348 -29.37 -0.40 -0.35
CA ILE A 348 -29.81 0.39 0.79
C ILE A 348 -30.56 -0.49 1.79
N ALA A 349 -31.35 -1.44 1.30
CA ALA A 349 -32.08 -2.34 2.17
C ALA A 349 -31.17 -3.24 2.99
N GLN A 350 -29.89 -3.36 2.60
CA GLN A 350 -28.94 -4.19 3.32
C GLN A 350 -28.24 -3.43 4.45
N PHE A 351 -28.66 -2.20 4.72
CA PHE A 351 -28.05 -1.45 5.82
C PHE A 351 -28.23 -2.11 7.19
N PRO A 352 -29.39 -2.68 7.54
CA PRO A 352 -29.48 -3.37 8.84
C PRO A 352 -28.52 -4.54 8.98
N ASN A 353 -27.99 -5.07 7.89
CA ASN A 353 -27.05 -6.18 7.92
C ASN A 353 -25.59 -5.72 7.90
N VAL A 354 -25.35 -4.43 8.06
CA VAL A 354 -23.98 -3.93 8.09
C VAL A 354 -23.29 -4.44 9.35
N GLN A 355 -22.24 -5.24 9.15
CA GLN A 355 -21.45 -5.78 10.24
C GLN A 355 -19.99 -5.46 10.00
N VAL A 356 -19.34 -4.86 10.98
CA VAL A 356 -17.92 -4.52 10.89
C VAL A 356 -17.21 -5.05 12.13
N PHE A 357 -15.94 -5.38 11.96
CA PHE A 357 -15.12 -5.83 13.08
C PHE A 357 -15.01 -4.72 14.13
N GLY A 358 -15.06 -5.12 15.39
CA GLY A 358 -14.99 -4.19 16.49
C GLY A 358 -16.32 -3.67 16.98
N ALA A 359 -17.36 -3.70 16.14
CA ALA A 359 -18.69 -3.26 16.53
C ALA A 359 -19.45 -4.45 17.09
N VAL A 360 -19.54 -4.53 18.41
CA VAL A 360 -20.24 -5.60 19.09
C VAL A 360 -21.47 -4.98 19.74
N GLY A 361 -22.63 -5.14 19.11
CA GLY A 361 -23.84 -4.56 19.65
C GLY A 361 -23.80 -3.04 19.52
N ASP A 362 -24.18 -2.36 20.61
CA ASP A 362 -24.18 -0.90 20.63
C ASP A 362 -22.82 -0.31 20.97
N LYS A 363 -21.75 -1.11 20.92
CA LYS A 363 -20.41 -0.65 21.25
C LYS A 363 -19.46 -1.01 20.13
N ASN A 364 -18.74 0.00 19.63
CA ASN A 364 -17.67 -0.20 18.65
C ASN A 364 -16.35 0.14 19.35
N PHE A 365 -15.52 -0.87 19.54
CA PHE A 365 -14.31 -0.72 20.34
C PHE A 365 -13.19 -0.09 19.53
N THR A 366 -12.64 1.01 20.05
CA THR A 366 -11.56 1.73 19.37
C THR A 366 -10.33 0.86 19.20
N ARG A 367 -10.18 -0.19 20.01
CA ARG A 367 -9.02 -1.07 19.92
C ARG A 367 -8.92 -1.77 18.57
N MET A 368 -10.01 -1.82 17.80
CA MET A 368 -9.95 -2.40 16.47
C MET A 368 -9.06 -1.61 15.52
N GLY A 369 -8.85 -0.32 15.79
CA GLY A 369 -7.95 0.46 14.96
C GLY A 369 -6.53 -0.06 14.99
N ASP A 370 -6.06 -0.48 16.16
CA ASP A 370 -4.73 -1.09 16.25
C ASP A 370 -4.69 -2.46 15.61
N VAL A 371 -5.80 -3.19 15.64
CA VAL A 371 -5.86 -4.49 14.98
C VAL A 371 -5.78 -4.33 13.46
N THR A 372 -6.57 -3.42 12.91
CA THR A 372 -6.54 -3.19 11.47
C THR A 372 -5.21 -2.58 11.03
N GLY A 373 -4.67 -1.65 11.84
CA GLY A 373 -3.41 -1.03 11.50
C GLY A 373 -2.24 -1.98 11.50
N SER A 374 -2.35 -3.09 12.21
CA SER A 374 -1.29 -4.10 12.22
C SER A 374 -1.36 -5.02 11.00
N GLY A 375 -2.53 -5.15 10.38
CA GLY A 375 -2.68 -6.09 9.30
C GLY A 375 -2.61 -7.54 9.72
N ILE A 376 -2.77 -7.81 11.02
CA ILE A 376 -2.66 -9.18 11.51
C ILE A 376 -3.76 -10.05 10.93
N ILE A 377 -5.00 -9.53 10.88
CA ILE A 377 -6.11 -10.31 10.35
C ILE A 377 -5.94 -10.56 8.85
N SER A 378 -5.51 -9.53 8.11
CA SER A 378 -5.33 -9.69 6.68
C SER A 378 -4.12 -10.58 6.36
N SER A 379 -3.04 -10.46 7.13
CA SER A 379 -1.89 -11.33 6.92
C SER A 379 -2.20 -12.77 7.29
N MET A 380 -3.10 -12.97 8.26
CA MET A 380 -3.52 -14.33 8.61
C MET A 380 -4.27 -14.98 7.45
N VAL A 381 -5.19 -14.25 6.84
CA VAL A 381 -5.90 -14.77 5.67
C VAL A 381 -4.94 -14.98 4.52
N HIS A 382 -3.97 -14.08 4.37
CA HIS A 382 -2.98 -14.19 3.30
C HIS A 382 -2.13 -15.45 3.47
N ASN A 383 -1.72 -15.74 4.71
CA ASN A 383 -0.89 -16.91 4.96
C ASN A 383 -1.68 -18.20 4.82
N VAL A 384 -2.97 -18.18 5.17
CA VAL A 384 -3.78 -19.40 5.10
C VAL A 384 -4.12 -19.73 3.65
N THR A 385 -4.42 -18.71 2.84
CA THR A 385 -4.85 -18.94 1.47
C THR A 385 -3.66 -18.98 0.50
N VAL A 386 -2.90 -17.89 0.42
CA VAL A 386 -1.78 -17.84 -0.51
C VAL A 386 -0.65 -18.76 -0.05
N GLY A 387 -0.34 -18.74 1.24
CA GLY A 387 0.76 -19.54 1.75
C GLY A 387 0.41 -20.96 2.10
N GLN A 388 -0.88 -21.30 2.16
CA GLN A 388 -1.35 -22.63 2.53
C GLN A 388 -0.84 -23.06 3.90
N GLN A 389 -0.60 -22.09 4.78
CA GLN A 389 -0.11 -22.41 6.12
C GLN A 389 -1.22 -23.05 6.94
N ASP A 390 -0.81 -23.73 8.01
CA ASP A 390 -1.76 -24.46 8.84
C ASP A 390 -2.81 -23.53 9.44
N LEU A 391 -4.06 -23.98 9.40
CA LEU A 391 -5.19 -23.11 9.80
C LEU A 391 -5.13 -22.77 11.28
N ASN A 392 -5.00 -23.79 12.14
CA ASN A 392 -5.14 -23.56 13.57
C ASN A 392 -3.93 -22.85 14.15
N THR A 393 -2.72 -23.18 13.67
CA THR A 393 -1.53 -22.51 14.18
C THR A 393 -1.49 -21.05 13.74
N THR A 394 -1.93 -20.76 12.52
CA THR A 394 -2.00 -19.38 12.07
C THR A 394 -3.01 -18.58 12.90
N LEU A 395 -4.17 -19.17 13.18
CA LEU A 395 -5.18 -18.49 13.97
C LEU A 395 -4.70 -18.25 15.39
N SER A 396 -4.12 -19.27 16.02
CA SER A 396 -3.67 -19.14 17.41
C SER A 396 -2.50 -18.17 17.51
N ASN A 397 -1.56 -18.24 16.56
CA ASN A 397 -0.43 -17.31 16.58
C ASN A 397 -0.91 -15.87 16.39
N SER A 398 -1.87 -15.67 15.47
CA SER A 398 -2.41 -14.33 15.26
C SER A 398 -3.07 -13.79 16.51
N GLN A 399 -3.81 -14.66 17.22
CA GLN A 399 -4.41 -14.24 18.49
C GLN A 399 -3.34 -13.88 19.51
N LYS A 400 -2.17 -14.53 19.45
CA LYS A 400 -1.10 -14.22 20.37
C LYS A 400 -0.54 -12.82 20.12
N ARG A 401 -0.26 -12.49 18.85
CA ARG A 401 0.21 -11.14 18.53
C ARG A 401 -0.86 -10.11 18.83
N LEU A 402 -2.13 -10.45 18.60
CA LEU A 402 -3.22 -9.52 18.87
C LEU A 402 -3.27 -9.15 20.35
N THR A 403 -3.24 -10.16 21.23
CA THR A 403 -3.18 -9.88 22.66
C THR A 403 -1.87 -9.18 23.03
N ASP A 404 -0.77 -9.55 22.37
CA ASP A 404 0.50 -8.89 22.62
C ASP A 404 0.49 -7.43 22.17
N LEU A 405 -0.26 -7.12 21.11
CA LEU A 405 -0.30 -5.76 20.60
C LEU A 405 -0.88 -4.79 21.62
N VAL A 406 -2.06 -5.11 22.16
CA VAL A 406 -2.82 -4.17 22.96
C VAL A 406 -2.64 -4.40 24.46
N SER A 407 -1.83 -5.39 24.85
CA SER A 407 -1.38 -5.53 26.22
C SER A 407 0.04 -5.01 26.41
N GLN A 408 0.49 -4.12 25.53
CA GLN A 408 1.84 -3.58 25.57
C GLN A 408 1.81 -2.05 25.57
N SER B 6 26.51 -36.74 -12.04
CA SER B 6 25.35 -37.61 -12.16
C SER B 6 24.07 -36.80 -12.27
N SER B 7 22.94 -37.50 -12.35
CA SER B 7 21.65 -36.84 -12.54
C SER B 7 21.20 -36.14 -11.27
N VAL B 8 20.59 -34.96 -11.43
CA VAL B 8 20.14 -34.15 -10.31
C VAL B 8 19.13 -33.15 -10.84
N THR B 9 18.06 -32.94 -10.08
CA THR B 9 17.02 -31.98 -10.43
C THR B 9 16.88 -30.95 -9.33
N ILE B 10 16.96 -29.68 -9.69
CA ILE B 10 16.82 -28.56 -8.75
C ILE B 10 15.70 -27.65 -9.22
N GLU B 11 15.28 -26.75 -8.34
CA GLU B 11 14.22 -25.81 -8.62
C GLU B 11 14.75 -24.38 -8.57
N PHE B 12 14.24 -23.53 -9.45
CA PHE B 12 14.62 -22.12 -9.52
C PHE B 12 13.36 -21.28 -9.27
N MET B 13 13.31 -20.64 -8.10
CA MET B 13 12.21 -19.75 -7.76
C MET B 13 12.58 -18.33 -8.16
N HIS B 14 11.69 -17.66 -8.88
CA HIS B 14 11.93 -16.30 -9.33
C HIS B 14 10.63 -15.52 -9.28
N SER B 15 10.76 -14.20 -9.41
CA SER B 15 9.63 -13.28 -9.29
C SER B 15 9.05 -12.90 -10.64
N SER B 16 9.47 -13.55 -11.72
CA SER B 16 8.96 -13.22 -13.05
C SER B 16 7.69 -14.02 -13.30
N VAL B 17 6.55 -13.41 -13.00
CA VAL B 17 5.26 -14.01 -13.34
C VAL B 17 4.75 -13.57 -14.70
N GLU B 18 5.25 -12.46 -15.24
CA GLU B 18 4.86 -12.03 -16.56
C GLU B 18 5.52 -12.92 -17.61
N GLN B 19 4.76 -13.24 -18.67
CA GLN B 19 5.16 -14.34 -19.54
C GLN B 19 6.34 -13.95 -20.44
N GLU B 20 6.32 -12.74 -21.01
CA GLU B 20 7.42 -12.33 -21.87
C GLU B 20 8.72 -12.20 -21.08
N ARG B 21 8.64 -12.08 -19.75
CA ARG B 21 9.81 -12.22 -18.91
C ARG B 21 10.13 -13.69 -18.64
N GLN B 22 9.10 -14.54 -18.58
CA GLN B 22 9.33 -15.96 -18.34
C GLN B 22 9.98 -16.63 -19.54
N ALA B 23 9.78 -16.08 -20.75
CA ALA B 23 10.36 -16.67 -21.94
C ALA B 23 11.89 -16.59 -21.92
N VAL B 24 12.43 -15.53 -21.32
CA VAL B 24 13.88 -15.40 -21.22
C VAL B 24 14.43 -16.44 -20.25
N ILE B 25 13.78 -16.60 -19.10
CA ILE B 25 14.22 -17.60 -18.13
C ILE B 25 14.03 -19.00 -18.69
N THR B 26 12.94 -19.23 -19.42
CA THR B 26 12.75 -20.52 -20.09
C THR B 26 13.86 -20.75 -21.12
N LYS B 27 14.21 -19.73 -21.90
CA LYS B 27 15.29 -19.85 -22.86
C LYS B 27 16.64 -20.05 -22.17
N LEU B 28 16.83 -19.42 -21.01
CA LEU B 28 18.10 -19.59 -20.29
C LEU B 28 18.24 -20.99 -19.73
N ILE B 29 17.16 -21.57 -19.24
CA ILE B 29 17.22 -22.92 -18.66
C ILE B 29 17.53 -23.94 -19.75
N GLU B 30 16.96 -23.76 -20.95
CA GLU B 30 17.23 -24.70 -22.03
C GLU B 30 18.69 -24.64 -22.47
N LYS B 31 19.26 -23.43 -22.57
CA LYS B 31 20.66 -23.30 -22.94
C LYS B 31 21.57 -23.90 -21.87
N PHE B 32 21.22 -23.71 -20.60
CA PHE B 32 22.02 -24.27 -19.52
C PHE B 32 21.94 -25.78 -19.49
N GLU B 33 20.76 -26.34 -19.79
CA GLU B 33 20.59 -27.79 -19.73
C GLU B 33 21.35 -28.49 -20.84
N LYS B 34 21.52 -27.84 -22.00
CA LYS B 34 22.30 -28.43 -23.08
C LYS B 34 23.77 -28.54 -22.67
N GLU B 35 24.32 -27.49 -22.05
CA GLU B 35 25.70 -27.53 -21.61
C GLU B 35 25.90 -28.44 -20.40
N ASN B 36 24.83 -28.81 -19.71
CA ASN B 36 24.91 -29.70 -18.56
C ASN B 36 23.74 -30.68 -18.62
N PRO B 37 23.90 -31.79 -19.35
CA PRO B 37 22.77 -32.70 -19.57
C PRO B 37 22.37 -33.51 -18.35
N SER B 38 23.10 -33.40 -17.23
CA SER B 38 22.79 -34.15 -16.02
C SER B 38 21.96 -33.34 -15.02
N ILE B 39 21.68 -32.07 -15.31
CA ILE B 39 20.95 -31.20 -14.40
C ILE B 39 19.65 -30.76 -15.06
N THR B 40 18.57 -30.76 -14.27
CA THR B 40 17.27 -30.29 -14.70
C THR B 40 16.81 -29.19 -13.75
N VAL B 41 16.35 -28.07 -14.31
CA VAL B 41 15.98 -26.90 -13.54
C VAL B 41 14.51 -26.60 -13.82
N LYS B 42 13.65 -26.83 -12.82
CA LYS B 42 12.27 -26.41 -12.90
C LYS B 42 12.13 -25.01 -12.31
N GLN B 43 11.50 -24.11 -13.05
CA GLN B 43 11.26 -22.76 -12.56
C GLN B 43 9.97 -22.72 -11.75
N VAL B 44 10.03 -22.06 -10.60
CA VAL B 44 8.87 -21.89 -9.74
C VAL B 44 8.52 -20.41 -9.68
N PRO B 45 7.79 -19.88 -10.66
CA PRO B 45 7.50 -18.44 -10.67
C PRO B 45 6.46 -18.09 -9.62
N VAL B 46 6.82 -17.17 -8.73
CA VAL B 46 5.94 -16.66 -7.69
C VAL B 46 5.98 -15.14 -7.74
N GLU B 47 4.81 -14.52 -7.67
CA GLU B 47 4.75 -13.06 -7.70
C GLU B 47 5.34 -12.47 -6.43
N GLU B 48 5.65 -11.17 -6.50
CA GLU B 48 6.33 -10.50 -5.39
C GLU B 48 5.49 -10.52 -4.12
N ASP B 49 4.17 -10.30 -4.25
CA ASP B 49 3.31 -10.24 -3.07
C ASP B 49 3.10 -11.60 -2.44
N ALA B 50 3.35 -12.68 -3.18
CA ALA B 50 3.22 -14.03 -2.65
C ALA B 50 4.56 -14.64 -2.30
N TYR B 51 5.64 -13.87 -2.37
CA TYR B 51 6.97 -14.42 -2.17
C TYR B 51 7.19 -14.85 -0.72
N ASN B 52 6.92 -13.94 0.23
CA ASN B 52 7.30 -14.18 1.62
C ASN B 52 6.55 -15.37 2.20
N THR B 53 5.22 -15.42 2.01
CA THR B 53 4.43 -16.49 2.60
C THR B 53 4.73 -17.85 1.95
N LYS B 54 5.37 -17.87 0.79
CA LYS B 54 5.64 -19.14 0.12
C LYS B 54 6.90 -19.80 0.69
N VAL B 55 8.00 -19.05 0.79
CA VAL B 55 9.23 -19.65 1.32
C VAL B 55 9.10 -19.99 2.79
N ILE B 56 8.20 -19.34 3.53
CA ILE B 56 7.96 -19.72 4.91
C ILE B 56 7.29 -21.09 4.96
N THR B 57 6.30 -21.32 4.09
CA THR B 57 5.65 -22.62 4.03
C THR B 57 6.61 -23.69 3.53
N LEU B 58 7.37 -23.38 2.47
CA LEU B 58 8.28 -24.37 1.89
C LEU B 58 9.41 -24.70 2.86
N ALA B 59 9.91 -23.71 3.60
CA ALA B 59 10.92 -24.00 4.62
C ALA B 59 10.34 -24.81 5.77
N ARG B 60 9.06 -24.58 6.10
CA ARG B 60 8.40 -25.38 7.11
C ARG B 60 8.27 -26.83 6.68
N THR B 61 8.08 -27.07 5.38
CA THR B 61 7.94 -28.41 4.84
C THR B 61 9.24 -28.95 4.24
N GLY B 62 10.33 -28.21 4.34
CA GLY B 62 11.61 -28.67 3.82
C GLY B 62 11.71 -28.69 2.31
N ALA B 63 10.73 -28.16 1.60
CA ALA B 63 10.72 -28.16 0.13
C ALA B 63 11.15 -26.81 -0.43
N LEU B 64 12.14 -26.17 0.18
CA LEU B 64 12.62 -24.88 -0.31
C LEU B 64 13.33 -25.08 -1.64
N PRO B 65 13.01 -24.31 -2.66
CA PRO B 65 13.73 -24.43 -3.94
C PRO B 65 15.21 -24.10 -3.77
N GLU B 66 16.04 -24.78 -4.56
CA GLU B 66 17.48 -24.69 -4.39
C GLU B 66 18.01 -23.31 -4.75
N VAL B 67 17.52 -22.73 -5.84
CA VAL B 67 17.92 -21.40 -6.28
C VAL B 67 16.71 -20.48 -6.23
N ILE B 68 16.87 -19.30 -5.64
CA ILE B 68 15.77 -18.36 -5.45
C ILE B 68 16.27 -16.96 -5.80
N GLU B 69 15.57 -16.30 -6.73
CA GLU B 69 15.81 -14.88 -6.97
C GLU B 69 15.31 -14.08 -5.77
N VAL B 70 16.13 -13.20 -5.25
CA VAL B 70 15.81 -12.51 -4.00
C VAL B 70 16.43 -11.12 -4.02
N SER B 71 15.71 -10.15 -3.46
CA SER B 71 16.26 -8.84 -3.20
C SER B 71 17.18 -8.89 -1.99
N HIS B 72 18.04 -7.87 -1.88
CA HIS B 72 19.02 -7.88 -0.79
C HIS B 72 18.34 -7.71 0.58
N ASP B 73 17.19 -7.04 0.61
CA ASP B 73 16.49 -6.88 1.88
C ASP B 73 15.79 -8.17 2.31
N TYR B 74 15.19 -8.90 1.37
CA TYR B 74 14.60 -10.18 1.71
C TYR B 74 15.63 -11.28 1.88
N ALA B 75 16.80 -11.14 1.25
CA ALA B 75 17.87 -12.10 1.48
C ALA B 75 18.31 -12.07 2.95
N LYS B 76 18.27 -10.90 3.57
CA LYS B 76 18.55 -10.82 5.00
C LYS B 76 17.48 -11.51 5.83
N VAL B 77 16.24 -11.51 5.34
CA VAL B 77 15.16 -12.18 6.06
C VAL B 77 15.39 -13.69 6.06
N MET B 78 15.78 -14.26 4.92
CA MET B 78 16.05 -15.69 4.85
C MET B 78 17.34 -16.06 5.57
N ASP B 79 18.32 -15.16 5.57
CA ASP B 79 19.58 -15.46 6.27
C ASP B 79 19.39 -15.45 7.78
N LYS B 80 18.61 -14.50 8.30
CA LYS B 80 18.31 -14.50 9.73
C LYS B 80 17.55 -15.75 10.12
N GLU B 81 16.67 -16.24 9.25
CA GLU B 81 16.00 -17.51 9.46
C GLU B 81 16.89 -18.70 9.10
N GLN B 82 18.15 -18.45 8.72
CA GLN B 82 19.12 -19.51 8.41
C GLN B 82 18.61 -20.42 7.30
N LEU B 83 18.17 -19.80 6.20
CA LEU B 83 17.69 -20.51 5.04
C LEU B 83 18.63 -20.43 3.86
N LEU B 84 19.80 -19.79 4.02
CA LEU B 84 20.73 -19.56 2.92
C LEU B 84 22.02 -20.31 3.16
N ASP B 85 22.52 -20.98 2.12
CA ASP B 85 23.79 -21.69 2.17
C ASP B 85 24.90 -20.69 1.89
N ARG B 86 25.44 -20.10 2.97
CA ARG B 86 26.47 -19.08 2.82
C ARG B 86 27.70 -19.64 2.13
N ASP B 87 28.08 -20.88 2.45
CA ASP B 87 29.28 -21.47 1.86
C ASP B 87 29.10 -21.65 0.35
N ALA B 88 27.98 -22.22 -0.08
CA ALA B 88 27.72 -22.38 -1.50
C ALA B 88 27.62 -21.03 -2.20
N ILE B 89 27.04 -20.04 -1.54
CA ILE B 89 26.99 -18.70 -2.11
C ILE B 89 28.39 -18.12 -2.24
N GLY B 90 29.23 -18.32 -1.23
CA GLY B 90 30.60 -17.83 -1.30
C GLY B 90 31.44 -18.53 -2.35
N GLU B 91 31.19 -19.82 -2.58
CA GLU B 91 31.97 -20.55 -3.57
C GLU B 91 31.67 -20.06 -4.98
N ALA B 92 30.41 -19.71 -5.26
CA ALA B 92 30.06 -19.23 -6.59
C ALA B 92 30.63 -17.83 -6.84
N ILE B 93 30.62 -16.97 -5.81
CA ILE B 93 31.23 -15.65 -5.95
C ILE B 93 32.72 -15.78 -6.21
N LYS B 94 33.37 -16.74 -5.56
CA LYS B 94 34.77 -17.02 -5.83
C LYS B 94 34.96 -17.52 -7.26
N ALA B 95 34.01 -18.32 -7.75
CA ALA B 95 34.12 -18.83 -9.12
C ALA B 95 33.94 -17.72 -10.15
N VAL B 96 32.92 -16.89 -9.97
CA VAL B 96 32.71 -15.76 -10.88
C VAL B 96 33.83 -14.74 -10.73
N GLY B 97 34.37 -14.60 -9.53
CA GLY B 97 35.35 -13.57 -9.27
C GLY B 97 34.74 -12.44 -8.47
N GLU B 98 35.26 -12.20 -7.26
CA GLU B 98 34.69 -11.17 -6.41
C GLU B 98 34.79 -9.79 -7.05
N LYS B 99 35.83 -9.55 -7.84
CA LYS B 99 35.99 -8.28 -8.54
C LYS B 99 35.30 -8.25 -9.90
N THR B 100 34.57 -9.31 -10.27
CA THR B 100 33.71 -9.25 -11.44
C THR B 100 32.48 -8.37 -11.18
N PHE B 101 32.12 -8.19 -9.91
CA PHE B 101 31.03 -7.30 -9.53
C PHE B 101 31.58 -5.91 -9.26
N TYR B 102 30.80 -4.89 -9.62
CA TYR B 102 31.21 -3.52 -9.40
C TYR B 102 31.39 -3.25 -7.90
N ASP B 103 32.17 -2.21 -7.61
CA ASP B 103 32.38 -1.81 -6.22
C ASP B 103 31.08 -1.32 -5.60
N GLY B 104 30.79 -1.79 -4.39
CA GLY B 104 29.63 -1.36 -3.65
C GLY B 104 28.43 -2.28 -3.73
N ILE B 105 28.47 -3.31 -4.58
CA ILE B 105 27.34 -4.22 -4.74
C ILE B 105 27.41 -5.36 -3.74
N LEU B 106 28.53 -6.07 -3.70
CA LEU B 106 28.68 -7.19 -2.78
C LEU B 106 28.62 -6.72 -1.33
N ARG B 107 29.00 -5.47 -1.07
CA ARG B 107 28.89 -4.92 0.28
C ARG B 107 27.46 -4.90 0.77
N VAL B 108 26.49 -4.74 -0.13
CA VAL B 108 25.10 -4.60 0.27
C VAL B 108 24.51 -5.94 0.70
N VAL B 109 24.90 -7.03 0.02
CA VAL B 109 24.35 -8.34 0.31
C VAL B 109 25.19 -9.06 1.37
N ARG B 110 25.94 -8.28 2.15
CA ARG B 110 26.76 -8.87 3.20
C ARG B 110 25.89 -9.39 4.34
N THR B 111 26.38 -10.43 5.01
CA THR B 111 25.69 -10.96 6.16
C THR B 111 25.87 -10.04 7.36
N GLU B 112 25.11 -10.31 8.42
CA GLU B 112 25.14 -9.46 9.61
C GLU B 112 26.50 -9.52 10.29
N ASP B 113 27.12 -10.70 10.33
CA ASP B 113 28.46 -10.82 10.91
C ASP B 113 29.56 -10.44 9.93
N GLY B 114 29.23 -10.16 8.68
CA GLY B 114 30.21 -9.73 7.70
C GLY B 114 31.15 -10.80 7.21
N THR B 115 30.88 -12.08 7.51
CA THR B 115 31.76 -13.16 7.11
C THR B 115 31.49 -13.69 5.71
N ALA B 116 30.27 -13.52 5.20
CA ALA B 116 29.91 -14.04 3.90
C ALA B 116 28.87 -13.13 3.27
N TRP B 117 28.23 -13.61 2.20
CA TRP B 117 27.19 -12.88 1.50
C TRP B 117 25.88 -13.66 1.56
N THR B 118 24.78 -12.95 1.34
CA THR B 118 23.46 -13.55 1.35
C THR B 118 23.02 -14.10 -0.01
N GLY B 119 23.72 -13.73 -1.07
CA GLY B 119 23.35 -14.19 -2.39
C GLY B 119 24.39 -13.77 -3.41
N VAL B 120 24.10 -14.07 -4.67
CA VAL B 120 24.97 -13.75 -5.79
C VAL B 120 24.29 -12.70 -6.65
N PRO B 121 24.76 -11.45 -6.63
CA PRO B 121 24.03 -10.38 -7.33
C PRO B 121 24.00 -10.57 -8.83
N ILE B 122 22.82 -10.35 -9.40
CA ILE B 122 22.64 -10.41 -10.85
C ILE B 122 22.16 -9.10 -11.45
N SER B 123 21.50 -8.23 -10.67
CA SER B 123 21.02 -6.95 -11.16
C SER B 123 20.77 -6.03 -9.98
N ALA B 124 20.43 -4.78 -10.27
CA ALA B 124 20.08 -3.79 -9.27
C ALA B 124 19.50 -2.58 -9.96
N TRP B 125 18.50 -1.96 -9.33
CA TRP B 125 17.96 -0.70 -9.79
C TRP B 125 18.30 0.40 -8.78
N LEU B 126 18.56 1.60 -9.29
CA LEU B 126 19.01 2.71 -8.46
C LEU B 126 17.95 3.80 -8.41
N SER B 127 18.04 4.63 -7.37
CA SER B 127 17.13 5.75 -7.17
C SER B 127 17.94 7.02 -6.94
N GLY B 128 17.44 8.13 -7.46
CA GLY B 128 18.09 9.40 -7.27
C GLY B 128 17.21 10.53 -7.75
N VAL B 129 17.80 11.71 -7.87
CA VAL B 129 17.09 12.90 -8.31
C VAL B 129 17.24 13.00 -9.82
N TRP B 130 16.13 12.90 -10.55
CA TRP B 130 16.11 13.08 -11.99
C TRP B 130 15.66 14.49 -12.32
N TYR B 131 16.07 14.96 -13.50
CA TYR B 131 15.70 16.30 -13.93
C TYR B 131 15.66 16.39 -15.45
N HIS B 132 14.86 17.32 -15.95
CA HIS B 132 14.84 17.63 -17.37
C HIS B 132 16.01 18.55 -17.70
N LYS B 133 16.91 18.09 -18.57
CA LYS B 133 18.13 18.84 -18.84
C LYS B 133 17.84 20.16 -19.53
N ASP B 134 16.76 20.25 -20.31
CA ASP B 134 16.45 21.50 -20.99
C ASP B 134 15.87 22.54 -20.04
N VAL B 135 15.00 22.10 -19.12
CA VAL B 135 14.37 23.04 -18.20
C VAL B 135 15.41 23.66 -17.27
N LEU B 136 16.35 22.84 -16.78
CA LEU B 136 17.38 23.38 -15.91
C LEU B 136 18.35 24.27 -16.67
N ALA B 137 18.64 23.96 -17.93
CA ALA B 137 19.48 24.84 -18.73
C ALA B 137 18.78 26.14 -19.07
N ALA B 138 17.44 26.11 -19.20
CA ALA B 138 16.70 27.32 -19.49
C ALA B 138 16.73 28.29 -18.31
N ALA B 139 16.63 27.77 -17.09
CA ALA B 139 16.69 28.60 -15.89
C ALA B 139 18.12 28.96 -15.50
N GLY B 140 19.11 28.52 -16.26
CA GLY B 140 20.49 28.84 -15.95
C GLY B 140 21.04 28.14 -14.72
N ILE B 141 20.40 27.07 -14.28
CA ILE B 141 20.85 26.31 -13.11
C ILE B 141 21.59 25.07 -13.61
N LYS B 142 22.84 24.92 -13.18
CA LYS B 142 23.63 23.75 -13.55
C LYS B 142 23.23 22.55 -12.69
N GLU B 143 23.79 21.40 -13.03
CA GLU B 143 23.57 20.19 -12.25
C GLU B 143 24.15 20.38 -10.86
N PRO B 144 23.32 20.39 -9.82
CA PRO B 144 23.82 20.72 -8.48
C PRO B 144 24.78 19.66 -7.94
N HIS B 145 25.68 20.11 -7.07
CA HIS B 145 26.71 19.23 -6.49
C HIS B 145 26.50 18.94 -5.02
N ASN B 146 25.52 19.56 -4.37
CA ASN B 146 25.33 19.37 -2.93
C ASN B 146 23.87 19.69 -2.58
N TRP B 147 23.57 19.64 -1.28
CA TRP B 147 22.23 19.93 -0.80
C TRP B 147 21.83 21.37 -1.13
N GLN B 148 22.67 22.33 -0.72
CA GLN B 148 22.31 23.73 -0.85
C GLN B 148 22.04 24.11 -2.30
N GLN B 149 22.80 23.54 -3.24
CA GLN B 149 22.55 23.80 -4.64
C GLN B 149 21.27 23.12 -5.12
N LEU B 150 20.94 21.97 -4.52
CA LEU B 150 19.70 21.27 -4.90
C LEU B 150 18.48 22.01 -4.35
N LEU B 151 18.55 22.49 -3.11
CA LEU B 151 17.44 23.26 -2.55
C LEU B 151 17.25 24.57 -3.30
N LYS B 152 18.35 25.18 -3.75
CA LYS B 152 18.24 26.42 -4.53
C LYS B 152 17.50 26.19 -5.83
N ALA B 153 17.80 25.09 -6.53
CA ALA B 153 17.14 24.81 -7.79
C ALA B 153 15.65 24.59 -7.60
N SER B 154 15.28 23.77 -6.62
CA SER B 154 13.86 23.53 -6.35
C SER B 154 13.15 24.82 -5.97
N GLN B 155 13.81 25.68 -5.19
CA GLN B 155 13.22 26.97 -4.82
C GLN B 155 13.08 27.88 -6.02
N MET B 156 14.06 27.83 -6.94
CA MET B 156 14.01 28.70 -8.11
C MET B 156 12.96 28.23 -9.11
N LEU B 157 12.80 26.92 -9.26
CA LEU B 157 11.81 26.36 -10.17
C LEU B 157 10.45 26.16 -9.51
N ASN B 158 10.28 26.58 -8.26
CA ASN B 158 9.00 26.47 -7.58
C ASN B 158 8.08 27.60 -8.00
N ASP B 159 6.89 27.25 -8.48
CA ASP B 159 5.88 28.23 -8.91
C ASP B 159 4.51 27.68 -8.54
N PRO B 160 4.16 27.70 -7.24
CA PRO B 160 2.93 27.03 -6.81
C PRO B 160 1.66 27.76 -7.25
N ALA B 161 1.75 29.03 -7.62
CA ALA B 161 0.56 29.73 -8.10
C ALA B 161 0.10 29.20 -9.44
N LYS B 162 1.01 28.64 -10.24
CA LYS B 162 0.68 28.07 -11.55
C LYS B 162 0.84 26.55 -11.57
N LYS B 163 0.76 25.91 -10.40
CA LYS B 163 0.81 24.45 -10.27
C LYS B 163 2.11 23.87 -10.81
N HIS B 164 3.21 24.60 -10.66
CA HIS B 164 4.55 24.11 -10.98
C HIS B 164 5.35 24.01 -9.70
N TYR B 165 6.05 22.88 -9.52
CA TYR B 165 6.79 22.64 -8.30
C TYR B 165 8.23 22.28 -8.63
N GLY B 166 9.15 22.76 -7.80
CA GLY B 166 10.57 22.62 -8.11
C GLY B 166 11.01 21.17 -8.21
N ILE B 167 10.64 20.35 -7.23
CA ILE B 167 11.03 18.95 -7.19
C ILE B 167 9.84 18.13 -6.70
N ALA B 168 9.66 16.95 -7.28
CA ALA B 168 8.63 16.01 -6.84
C ALA B 168 9.28 15.10 -5.80
N LEU B 169 9.01 15.39 -4.52
CA LEU B 169 9.71 14.70 -3.44
C LEU B 169 8.79 13.75 -2.71
N PRO B 170 9.25 12.53 -2.44
CA PRO B 170 8.45 11.58 -1.66
C PRO B 170 8.12 12.10 -0.27
N THR B 171 6.84 11.97 0.10
CA THR B 171 6.38 12.33 1.44
C THR B 171 5.34 11.36 1.99
N ALA B 172 5.06 10.25 1.30
CA ALA B 172 4.01 9.34 1.71
C ALA B 172 4.51 8.41 2.82
N GLU B 173 3.58 7.67 3.43
CA GLU B 173 3.91 6.66 4.42
C GLU B 173 4.15 5.33 3.70
N SER B 174 5.30 5.24 3.04
CA SER B 174 5.63 4.06 2.26
C SER B 174 7.14 3.91 2.19
N VAL B 175 7.58 2.76 1.67
CA VAL B 175 9.00 2.47 1.61
C VAL B 175 9.73 3.41 0.65
N MET B 176 9.02 3.94 -0.35
CA MET B 176 9.65 4.88 -1.27
C MET B 176 10.10 6.15 -0.57
N THR B 177 9.31 6.66 0.37
CA THR B 177 9.74 7.83 1.13
C THR B 177 10.93 7.50 2.02
N GLU B 178 10.91 6.33 2.67
CA GLU B 178 12.06 5.89 3.44
C GLU B 178 13.29 5.74 2.57
N GLN B 179 13.10 5.31 1.32
CA GLN B 179 14.24 5.14 0.41
C GLN B 179 14.78 6.49 -0.06
N ALA B 180 13.89 7.42 -0.39
CA ALA B 180 14.34 8.74 -0.84
C ALA B 180 14.95 9.54 0.29
N PHE B 181 14.38 9.43 1.49
CA PHE B 181 14.97 10.13 2.63
C PHE B 181 16.31 9.50 3.03
N SER B 182 16.49 8.21 2.75
CA SER B 182 17.72 7.53 3.14
C SER B 182 18.93 8.10 2.43
N GLN B 183 18.80 8.40 1.13
CA GLN B 183 19.95 8.94 0.40
C GLN B 183 20.37 10.30 0.92
N PHE B 184 19.42 11.11 1.40
CA PHE B 184 19.81 12.35 2.08
C PHE B 184 20.37 12.07 3.45
N ALA B 185 19.77 11.15 4.20
CA ALA B 185 20.26 10.81 5.53
C ALA B 185 21.65 10.19 5.46
N LEU B 186 21.89 9.32 4.47
CA LEU B 186 23.18 8.65 4.36
C LEU B 186 24.24 9.57 3.77
N SER B 187 23.87 10.40 2.78
CA SER B 187 24.80 11.40 2.29
C SER B 187 25.14 12.42 3.35
N GLY B 188 24.23 12.68 4.28
CA GLY B 188 24.50 13.50 5.43
C GLY B 188 25.31 12.84 6.52
N GLY B 189 25.63 11.55 6.34
CA GLY B 189 26.43 10.85 7.32
C GLY B 189 25.66 10.16 8.42
N ALA B 190 24.38 9.86 8.21
CA ALA B 190 23.55 9.27 9.24
C ALA B 190 22.97 7.95 8.75
N ASN B 191 22.94 6.96 9.63
CA ASN B 191 22.33 5.66 9.37
C ASN B 191 21.45 5.28 10.55
N VAL B 192 20.50 4.38 10.28
CA VAL B 192 19.63 3.89 11.35
C VAL B 192 20.45 3.10 12.37
N PHE B 193 21.40 2.32 11.90
CA PHE B 193 22.27 1.52 12.76
C PHE B 193 23.64 2.17 12.89
N ASP B 194 24.36 1.79 13.94
CA ASP B 194 25.74 2.17 14.13
C ASP B 194 26.64 0.95 13.91
N ALA B 195 27.87 1.02 14.42
CA ALA B 195 28.81 -0.09 14.20
C ALA B 195 28.43 -1.32 15.02
N GLN B 196 27.79 -1.14 16.17
CA GLN B 196 27.43 -2.25 17.04
C GLN B 196 26.09 -2.88 16.66
N GLY B 197 25.31 -2.25 15.79
CA GLY B 197 24.04 -2.81 15.37
C GLY B 197 22.84 -2.36 16.17
N ASN B 198 22.94 -1.27 16.91
CA ASN B 198 21.84 -0.75 17.70
C ASN B 198 21.16 0.40 16.96
N ILE B 199 19.85 0.55 17.19
CA ILE B 199 19.11 1.63 16.58
C ILE B 199 19.50 2.95 17.24
N GLN B 200 19.88 3.93 16.41
CA GLN B 200 20.20 5.26 16.92
C GLN B 200 19.95 6.25 15.79
N ILE B 201 18.73 6.79 15.75
CA ILE B 201 18.37 7.82 14.77
C ILE B 201 18.36 9.22 15.37
N ASP B 202 18.52 9.33 16.69
CA ASP B 202 18.53 10.64 17.36
C ASP B 202 19.97 11.16 17.43
N THR B 203 20.45 11.59 16.27
CA THR B 203 21.79 12.17 16.14
C THR B 203 21.68 13.49 15.40
N PRO B 204 22.62 14.41 15.62
CA PRO B 204 22.62 15.66 14.83
C PRO B 204 22.73 15.43 13.34
N GLU B 205 23.37 14.34 12.90
CA GLU B 205 23.47 14.06 11.48
C GLU B 205 22.11 13.70 10.90
N MET B 206 21.33 12.90 11.62
CA MET B 206 19.99 12.55 11.13
C MET B 206 19.04 13.73 11.25
N LEU B 207 19.19 14.54 12.31
CA LEU B 207 18.33 15.72 12.47
C LEU B 207 18.55 16.71 11.33
N ASN B 208 19.80 16.90 10.92
CA ASN B 208 20.09 17.84 9.84
C ASN B 208 19.50 17.35 8.51
N ALA B 209 19.64 16.06 8.23
CA ALA B 209 19.06 15.52 6.99
C ALA B 209 17.54 15.53 7.04
N LEU B 210 16.96 15.25 8.21
CA LEU B 210 15.51 15.36 8.36
C LEU B 210 15.05 16.80 8.24
N ALA B 211 15.86 17.76 8.69
CA ALA B 211 15.51 19.16 8.53
C ALA B 211 15.62 19.60 7.07
N PHE B 212 16.68 19.17 6.38
CA PHE B 212 16.84 19.55 4.98
C PHE B 212 15.76 18.91 4.12
N TYR B 213 15.39 17.67 4.41
CA TYR B 213 14.31 17.02 3.67
C TYR B 213 13.00 17.79 3.84
N LYS B 214 12.77 18.33 5.04
CA LYS B 214 11.60 19.18 5.25
C LYS B 214 11.70 20.46 4.42
N GLU B 215 12.89 21.07 4.38
CA GLU B 215 13.08 22.25 3.55
C GLU B 215 12.89 21.93 2.06
N LEU B 216 13.37 20.76 1.63
CA LEU B 216 13.17 20.35 0.25
C LEU B 216 11.70 20.09 -0.05
N ALA B 217 10.96 19.57 0.93
CA ALA B 217 9.54 19.31 0.76
C ALA B 217 8.72 20.59 0.68
N LYS B 218 9.29 21.74 1.04
CA LYS B 218 8.59 23.01 0.89
C LYS B 218 8.43 23.42 -0.57
N ASN B 219 9.06 22.69 -1.50
CA ASN B 219 9.01 23.01 -2.92
C ASN B 219 8.46 21.84 -3.74
N THR B 220 7.52 21.10 -3.18
CA THR B 220 6.93 19.94 -3.83
C THR B 220 5.41 20.08 -3.86
N MET B 221 4.76 19.12 -4.49
CA MET B 221 3.30 19.12 -4.56
C MET B 221 2.71 19.04 -3.15
N PRO B 222 1.63 19.75 -2.87
CA PRO B 222 1.05 19.73 -1.52
C PRO B 222 0.42 18.38 -1.21
N GLY B 223 0.52 17.99 0.05
CA GLY B 223 -0.04 16.74 0.51
C GLY B 223 0.98 15.63 0.63
N SER B 224 0.48 14.40 0.67
CA SER B 224 1.31 13.22 0.77
C SER B 224 1.51 12.66 -0.64
N ASN B 225 2.74 12.76 -1.14
CA ASN B 225 3.05 12.38 -2.52
C ASN B 225 3.51 10.94 -2.57
N ASP B 226 2.81 10.12 -3.36
CA ASP B 226 3.15 8.71 -3.54
C ASP B 226 3.92 8.53 -4.84
N VAL B 227 4.31 7.29 -5.12
CA VAL B 227 5.13 6.99 -6.29
C VAL B 227 4.36 7.32 -7.58
N MET B 228 3.04 7.10 -7.56
CA MET B 228 2.24 7.41 -8.75
C MET B 228 2.21 8.90 -9.04
N GLU B 229 2.13 9.73 -7.99
CA GLU B 229 2.07 11.17 -8.20
C GLU B 229 3.42 11.74 -8.63
N ILE B 230 4.50 11.23 -8.04
CA ILE B 230 5.84 11.71 -8.40
C ILE B 230 6.15 11.38 -9.85
N LYS B 231 5.77 10.19 -10.30
CA LYS B 231 5.99 9.82 -11.70
C LYS B 231 5.23 10.75 -12.64
N ASP B 232 3.95 11.00 -12.34
CA ASP B 232 3.15 11.86 -13.21
C ASP B 232 3.68 13.29 -13.24
N ALA B 233 4.02 13.83 -12.06
CA ALA B 233 4.49 15.22 -12.00
C ALA B 233 5.74 15.42 -12.85
N PHE B 234 6.63 14.42 -12.87
CA PHE B 234 7.80 14.52 -13.74
C PHE B 234 7.45 14.25 -15.20
N MET B 235 6.43 13.43 -15.46
CA MET B 235 6.08 13.10 -16.84
C MET B 235 5.27 14.20 -17.51
N ASN B 236 4.30 14.77 -16.79
CA ASN B 236 3.46 15.82 -17.38
C ASN B 236 4.08 17.21 -17.30
N GLY B 237 5.28 17.33 -16.73
CA GLY B 237 6.00 18.59 -16.73
C GLY B 237 5.69 19.52 -15.57
N SER B 238 4.80 19.13 -14.65
CA SER B 238 4.52 19.99 -13.51
C SER B 238 5.67 20.03 -12.50
N ALA B 239 6.62 19.11 -12.61
CA ALA B 239 7.79 19.11 -11.75
C ALA B 239 9.03 18.75 -12.56
N PRO B 240 9.93 19.70 -12.81
CA PRO B 240 11.13 19.40 -13.61
C PRO B 240 12.13 18.51 -12.90
N MET B 241 11.98 18.29 -11.60
CA MET B 241 12.88 17.43 -10.84
C MET B 241 12.04 16.44 -10.04
N ALA B 242 12.56 15.23 -9.89
CA ALA B 242 11.84 14.19 -9.17
C ALA B 242 12.81 13.16 -8.64
N VAL B 243 12.47 12.59 -7.49
CA VAL B 243 13.22 11.47 -6.91
C VAL B 243 12.48 10.20 -7.27
N TYR B 244 13.13 9.35 -8.06
CA TYR B 244 12.49 8.16 -8.58
C TYR B 244 13.54 7.08 -8.81
N SER B 245 13.08 5.84 -8.95
CA SER B 245 13.95 4.73 -9.26
C SER B 245 14.36 4.77 -10.73
N THR B 246 15.21 3.83 -11.14
CA THR B 246 15.60 3.75 -12.54
C THR B 246 14.47 3.26 -13.44
N TYR B 247 13.33 2.88 -12.85
CA TYR B 247 12.17 2.50 -13.65
C TYR B 247 11.52 3.69 -14.35
N ILE B 248 12.01 4.91 -14.09
CA ILE B 248 11.60 6.06 -14.90
C ILE B 248 12.23 6.01 -16.27
N LEU B 249 13.29 5.22 -16.47
CA LEU B 249 13.93 5.13 -17.78
C LEU B 249 13.01 4.52 -18.83
N PRO B 250 12.36 3.38 -18.59
CA PRO B 250 11.40 2.89 -19.60
C PRO B 250 10.24 3.85 -19.82
N ALA B 251 9.84 4.61 -18.79
CA ALA B 251 8.77 5.58 -18.97
C ALA B 251 9.20 6.71 -19.90
N VAL B 252 10.47 7.12 -19.84
CA VAL B 252 10.96 8.17 -20.72
C VAL B 252 11.12 7.65 -22.14
N PHE B 253 11.44 6.37 -22.30
CA PHE B 253 11.61 5.82 -23.65
C PHE B 253 10.29 5.77 -24.42
N LYS B 254 9.17 5.61 -23.71
CA LYS B 254 7.89 5.49 -24.39
C LYS B 254 7.28 6.86 -24.71
N GLU B 255 7.16 7.73 -23.70
CA GLU B 255 6.47 9.00 -23.87
C GLU B 255 7.31 10.19 -23.44
N GLY B 256 8.64 10.05 -23.43
CA GLY B 256 9.49 11.15 -23.02
C GLY B 256 10.62 11.44 -23.98
N ASP B 257 11.66 12.11 -23.49
CA ASP B 257 12.83 12.45 -24.29
C ASP B 257 14.07 11.88 -23.63
N PRO B 258 14.66 10.80 -24.16
CA PRO B 258 15.80 10.17 -23.47
C PRO B 258 17.00 11.09 -23.32
N ALA B 259 17.37 11.82 -24.37
CA ALA B 259 18.49 12.75 -24.28
C ALA B 259 18.22 13.92 -23.35
N ASN B 260 16.98 14.08 -22.89
CA ASN B 260 16.61 15.14 -21.96
C ASN B 260 16.58 14.66 -20.52
N LEU B 261 17.01 13.42 -20.25
CA LEU B 261 17.00 12.86 -18.91
C LEU B 261 18.36 13.06 -18.26
N GLY B 262 18.40 13.79 -17.15
CA GLY B 262 19.61 13.96 -16.38
C GLY B 262 19.50 13.32 -15.02
N PHE B 263 20.64 13.11 -14.36
CA PHE B 263 20.66 12.42 -13.08
C PHE B 263 21.67 13.07 -12.16
N VAL B 264 21.25 13.41 -10.94
CA VAL B 264 22.12 14.04 -9.95
C VAL B 264 22.03 13.26 -8.66
N VAL B 265 23.17 13.01 -8.01
CA VAL B 265 23.24 12.27 -6.75
C VAL B 265 23.31 13.17 -5.52
N PRO B 266 22.35 12.99 -4.61
CA PRO B 266 22.35 13.83 -3.40
C PRO B 266 23.61 13.60 -2.58
N THR B 267 24.46 14.63 -2.47
CA THR B 267 25.70 14.53 -1.73
C THR B 267 25.80 15.67 -0.72
N GLU B 268 26.36 15.36 0.45
CA GLU B 268 26.67 16.38 1.45
C GLU B 268 27.98 16.04 2.14
N LYS B 269 27.93 15.14 3.13
CA LYS B 269 29.18 14.62 3.69
C LYS B 269 29.74 13.51 2.81
N SER B 270 28.88 12.81 2.08
CA SER B 270 29.28 11.81 1.10
C SER B 270 28.23 11.78 0.00
N SER B 271 28.48 10.97 -1.02
CA SER B 271 27.53 10.75 -2.09
C SER B 271 26.72 9.49 -1.80
N ALA B 272 25.42 9.55 -2.07
CA ALA B 272 24.51 8.45 -1.70
C ALA B 272 23.43 8.30 -2.76
N VAL B 273 23.38 7.12 -3.37
CA VAL B 273 22.25 6.70 -4.18
C VAL B 273 21.63 5.48 -3.50
N TYR B 274 20.32 5.34 -3.63
CA TYR B 274 19.67 4.14 -3.12
C TYR B 274 19.64 3.07 -4.20
N GLY B 275 19.74 1.82 -3.77
CA GLY B 275 19.66 0.70 -4.68
C GLY B 275 19.12 -0.57 -4.06
N MET B 276 18.33 -1.31 -4.83
CA MET B 276 17.84 -2.64 -4.44
C MET B 276 18.57 -3.66 -5.31
N VAL B 277 19.42 -4.47 -4.68
CA VAL B 277 20.21 -5.46 -5.40
C VAL B 277 19.43 -6.76 -5.45
N THR B 278 19.24 -7.29 -6.66
CA THR B 278 18.62 -8.59 -6.86
C THR B 278 19.69 -9.65 -7.01
N SER B 279 19.56 -10.75 -6.27
CA SER B 279 20.56 -11.79 -6.24
C SER B 279 19.94 -13.14 -6.49
N LEU B 280 20.77 -14.09 -6.93
CA LEU B 280 20.40 -15.49 -7.06
C LEU B 280 21.03 -16.23 -5.88
N THR B 281 20.22 -16.57 -4.89
CA THR B 281 20.70 -17.18 -3.67
C THR B 281 20.57 -18.70 -3.71
N ILE B 282 21.27 -19.37 -2.80
CA ILE B 282 21.24 -20.81 -2.66
C ILE B 282 20.79 -21.15 -1.25
N THR B 283 19.82 -22.06 -1.14
CA THR B 283 19.17 -22.34 0.12
C THR B 283 19.79 -23.56 0.82
N THR B 284 19.44 -23.71 2.09
CA THR B 284 19.91 -24.83 2.89
C THR B 284 18.92 -25.99 2.83
N GLY B 285 19.20 -27.03 3.61
CA GLY B 285 18.32 -28.19 3.64
C GLY B 285 18.27 -28.98 2.36
N GLN B 286 19.35 -28.98 1.58
CA GLN B 286 19.40 -29.68 0.30
C GLN B 286 20.49 -30.75 0.35
N THR B 287 20.38 -31.70 -0.57
CA THR B 287 21.41 -32.71 -0.71
C THR B 287 22.67 -32.11 -1.32
N GLU B 288 23.79 -32.81 -1.15
CA GLU B 288 25.06 -32.36 -1.72
C GLU B 288 24.95 -32.23 -3.23
N GLU B 289 24.29 -33.19 -3.88
CA GLU B 289 24.15 -33.15 -5.33
C GLU B 289 23.27 -31.98 -5.78
N GLU B 290 22.26 -31.62 -5.00
CA GLU B 290 21.44 -30.46 -5.33
C GLU B 290 22.21 -29.16 -5.13
N THR B 291 23.04 -29.10 -4.09
CA THR B 291 23.78 -27.88 -3.79
C THR B 291 24.82 -27.58 -4.85
N LYS B 292 25.57 -28.60 -5.28
CA LYS B 292 26.59 -28.39 -6.31
C LYS B 292 25.96 -27.95 -7.62
N ALA B 293 24.82 -28.55 -7.98
CA ALA B 293 24.11 -28.11 -9.17
C ALA B 293 23.57 -26.70 -9.01
N ALA B 294 23.20 -26.30 -7.80
CA ALA B 294 22.77 -24.93 -7.57
C ALA B 294 23.92 -23.95 -7.72
N GLU B 295 25.12 -24.34 -7.31
CA GLU B 295 26.29 -23.49 -7.49
C GLU B 295 26.62 -23.33 -8.97
N LYS B 296 26.54 -24.42 -9.74
CA LYS B 296 26.88 -24.35 -11.15
C LYS B 296 25.87 -23.51 -11.93
N PHE B 297 24.58 -23.65 -11.62
CA PHE B 297 23.57 -22.85 -12.32
C PHE B 297 23.72 -21.38 -12.01
N VAL B 298 24.00 -21.04 -10.75
CA VAL B 298 24.19 -19.64 -10.38
C VAL B 298 25.48 -19.10 -10.99
N THR B 299 26.55 -19.88 -10.94
CA THR B 299 27.79 -19.48 -11.60
C THR B 299 27.60 -19.34 -13.11
N TRP B 300 26.81 -20.24 -13.70
CA TRP B 300 26.54 -20.16 -15.13
C TRP B 300 25.73 -18.92 -15.49
N MET B 301 24.87 -18.47 -14.58
CA MET B 301 24.06 -17.28 -14.85
C MET B 301 24.87 -16.00 -14.84
N GLU B 302 26.08 -16.04 -14.26
CA GLU B 302 26.95 -14.87 -14.24
C GLU B 302 27.87 -14.79 -15.44
N GLN B 303 27.75 -15.71 -16.39
CA GLN B 303 28.47 -15.57 -17.65
C GLN B 303 27.97 -14.32 -18.38
N ALA B 304 28.78 -13.87 -19.34
CA ALA B 304 28.53 -12.57 -19.99
C ALA B 304 27.12 -12.51 -20.59
N GLN B 305 26.81 -13.46 -21.48
CA GLN B 305 25.51 -13.43 -22.15
C GLN B 305 24.38 -13.88 -21.23
N ASN B 306 24.66 -14.76 -20.27
CA ASN B 306 23.60 -15.21 -19.36
C ASN B 306 23.16 -14.08 -18.43
N ALA B 307 24.12 -13.33 -17.89
CA ALA B 307 23.76 -12.17 -17.07
C ALA B 307 23.17 -11.05 -17.90
N SER B 308 23.62 -10.90 -19.15
CA SER B 308 23.06 -9.87 -20.02
C SER B 308 21.62 -10.20 -20.39
N ASP B 309 21.31 -11.49 -20.59
CA ASP B 309 19.95 -11.88 -20.89
C ASP B 309 19.02 -11.64 -19.71
N TRP B 310 19.53 -11.77 -18.49
CA TRP B 310 18.70 -11.54 -17.31
C TRP B 310 18.46 -10.06 -17.06
N VAL B 311 19.49 -9.22 -17.25
CA VAL B 311 19.34 -7.80 -16.98
C VAL B 311 18.38 -7.16 -17.98
N MET B 312 18.36 -7.66 -19.22
CA MET B 312 17.58 -7.04 -20.28
C MET B 312 16.11 -7.44 -20.28
N MET B 313 15.63 -8.15 -19.26
CA MET B 313 14.19 -8.30 -19.10
C MET B 313 13.53 -6.98 -18.75
N SER B 314 14.28 -6.04 -18.19
CA SER B 314 13.80 -4.68 -17.92
C SER B 314 14.92 -3.71 -18.31
N PRO B 315 15.03 -3.40 -19.60
CA PRO B 315 16.14 -2.53 -20.04
C PRO B 315 16.04 -1.13 -19.46
N GLY B 316 17.17 -0.63 -18.98
CA GLY B 316 17.22 0.71 -18.44
C GLY B 316 16.86 0.73 -16.97
N ALA B 317 15.76 0.06 -16.63
CA ALA B 317 15.35 -0.01 -15.23
C ALA B 317 16.29 -0.89 -14.41
N ALA B 318 16.50 -2.13 -14.85
CA ALA B 318 17.45 -3.03 -14.20
C ALA B 318 18.85 -2.78 -14.75
N LEU B 319 19.80 -2.58 -13.84
CA LEU B 319 21.16 -2.29 -14.25
C LEU B 319 22.09 -3.46 -13.92
N PRO B 320 23.12 -3.68 -14.73
CA PRO B 320 24.01 -4.81 -14.51
C PRO B 320 24.97 -4.55 -13.36
N VAL B 321 25.01 -5.48 -12.40
CA VAL B 321 26.04 -5.47 -11.36
C VAL B 321 27.25 -6.27 -11.76
N ASN B 322 27.18 -7.03 -12.85
CA ASN B 322 28.30 -7.82 -13.36
C ASN B 322 28.96 -7.03 -14.48
N LYS B 323 30.29 -6.91 -14.41
CA LYS B 323 31.01 -6.06 -15.36
C LYS B 323 31.03 -6.62 -16.77
N LEU B 324 30.77 -7.91 -16.94
CA LEU B 324 30.81 -8.52 -18.27
C LEU B 324 29.60 -8.18 -19.13
N VAL B 325 28.55 -7.59 -18.55
CA VAL B 325 27.31 -7.39 -19.28
C VAL B 325 27.45 -6.27 -20.30
N VAL B 326 28.10 -5.16 -19.91
CA VAL B 326 28.21 -4.02 -20.81
C VAL B 326 29.05 -4.33 -22.04
N ASP B 327 29.93 -5.33 -21.95
CA ASP B 327 30.73 -5.74 -23.11
C ASP B 327 29.94 -6.61 -24.09
N THR B 328 28.76 -7.08 -23.71
CA THR B 328 27.96 -7.91 -24.59
C THR B 328 27.30 -7.08 -25.68
N GLU B 329 26.86 -7.76 -26.74
CA GLU B 329 26.29 -7.06 -27.89
C GLU B 329 24.81 -6.74 -27.69
N SER B 330 24.09 -7.54 -26.91
CA SER B 330 22.68 -7.24 -26.64
C SER B 330 22.53 -6.03 -25.72
N TRP B 331 23.58 -5.67 -24.97
CA TRP B 331 23.52 -4.47 -24.14
C TRP B 331 23.87 -3.23 -24.95
N LYS B 332 25.03 -3.25 -25.63
CA LYS B 332 25.48 -2.09 -26.37
C LYS B 332 24.52 -1.69 -27.47
N ASN B 333 23.76 -2.65 -28.01
CA ASN B 333 22.92 -2.42 -29.17
C ASN B 333 21.43 -2.39 -28.83
N ASN B 334 21.07 -2.39 -27.55
CA ASN B 334 19.67 -2.29 -27.18
C ASN B 334 19.18 -0.87 -27.41
N GLU B 335 17.97 -0.75 -27.97
CA GLU B 335 17.47 0.56 -28.40
C GLU B 335 17.29 1.51 -27.23
N VAL B 336 16.86 0.99 -26.07
CA VAL B 336 16.67 1.85 -24.90
C VAL B 336 18.01 2.33 -24.36
N ILE B 337 19.04 1.50 -24.46
CA ILE B 337 20.34 1.86 -23.90
C ILE B 337 21.04 2.89 -24.77
N LYS B 338 20.96 2.72 -26.09
CA LYS B 338 21.53 3.73 -26.99
C LYS B 338 20.75 5.04 -26.93
N ALA B 339 19.45 4.97 -26.61
CA ALA B 339 18.64 6.18 -26.57
C ALA B 339 19.09 7.10 -25.44
N PHE B 340 19.42 6.54 -24.29
CA PHE B 340 19.88 7.34 -23.16
C PHE B 340 21.37 7.65 -23.22
N GLY B 341 22.08 7.12 -24.20
CA GLY B 341 23.48 7.44 -24.42
C GLY B 341 24.40 7.12 -23.26
N GLN B 342 24.90 8.16 -22.59
CA GLN B 342 25.85 8.01 -21.49
C GLN B 342 25.17 7.83 -20.14
N LEU B 343 23.85 7.98 -20.08
CA LEU B 343 23.15 7.89 -18.80
C LEU B 343 23.32 6.54 -18.10
N PRO B 344 23.15 5.38 -18.75
CA PRO B 344 23.30 4.11 -18.02
C PRO B 344 24.69 3.91 -17.45
N TYR B 345 25.72 4.41 -18.12
CA TYR B 345 27.08 4.27 -17.60
C TYR B 345 27.33 5.22 -16.44
N GLU B 346 26.74 6.42 -16.47
CA GLU B 346 26.78 7.29 -15.30
C GLU B 346 26.02 6.66 -14.14
N LEU B 347 24.91 5.97 -14.43
CA LEU B 347 24.18 5.27 -13.38
C LEU B 347 24.99 4.09 -12.84
N ILE B 348 25.64 3.34 -13.73
CA ILE B 348 26.50 2.24 -13.29
C ILE B 348 27.69 2.78 -12.51
N ALA B 349 28.20 3.96 -12.89
CA ALA B 349 29.35 4.54 -12.21
C ALA B 349 29.05 4.95 -10.78
N GLN B 350 27.78 5.15 -10.43
CA GLN B 350 27.40 5.51 -9.07
C GLN B 350 27.28 4.31 -8.14
N PHE B 351 27.71 3.13 -8.60
CA PHE B 351 27.62 1.93 -7.77
C PHE B 351 28.46 1.99 -6.50
N PRO B 352 29.69 2.51 -6.49
CA PRO B 352 30.40 2.65 -5.20
C PRO B 352 29.72 3.60 -4.23
N ASN B 353 28.81 4.45 -4.71
CA ASN B 353 28.06 5.35 -3.85
C ASN B 353 26.74 4.74 -3.37
N VAL B 354 26.55 3.45 -3.54
CA VAL B 354 25.31 2.80 -3.10
C VAL B 354 25.32 2.76 -1.57
N GLN B 355 24.33 3.41 -0.97
CA GLN B 355 24.17 3.44 0.48
C GLN B 355 22.73 3.09 0.81
N VAL B 356 22.55 2.10 1.70
CA VAL B 356 21.23 1.69 2.13
C VAL B 356 21.21 1.64 3.66
N PHE B 357 20.04 1.93 4.23
CA PHE B 357 19.87 1.84 5.67
C PHE B 357 20.11 0.42 6.15
N GLY B 358 20.83 0.30 7.26
CA GLY B 358 21.16 -0.98 7.84
C GLY B 358 22.53 -1.50 7.46
N ALA B 359 23.08 -1.05 6.33
CA ALA B 359 24.41 -1.48 5.89
C ALA B 359 25.45 -0.50 6.43
N VAL B 360 26.20 -0.94 7.43
CA VAL B 360 27.25 -0.14 8.05
C VAL B 360 28.57 -0.85 7.76
N GLY B 361 29.30 -0.38 6.77
CA GLY B 361 30.55 -1.05 6.41
C GLY B 361 30.25 -2.39 5.77
N ASP B 362 30.94 -3.42 6.23
CA ASP B 362 30.75 -4.78 5.74
C ASP B 362 29.63 -5.51 6.45
N LYS B 363 28.78 -4.80 7.19
CA LYS B 363 27.70 -5.41 7.96
C LYS B 363 26.38 -4.79 7.55
N ASN B 364 25.42 -5.64 7.19
CA ASN B 364 24.05 -5.21 6.91
C ASN B 364 23.15 -5.91 7.95
N PHE B 365 22.64 -5.13 8.90
CA PHE B 365 21.96 -5.70 10.05
C PHE B 365 20.52 -6.09 9.72
N THR B 366 20.13 -7.29 10.13
CA THR B 366 18.82 -7.82 9.79
C THR B 366 17.68 -7.12 10.51
N ARG B 367 17.95 -6.44 11.63
CA ARG B 367 16.90 -5.73 12.33
C ARG B 367 16.34 -4.57 11.53
N MET B 368 17.02 -4.16 10.45
CA MET B 368 16.46 -3.13 9.59
C MET B 368 15.21 -3.61 8.89
N GLY B 369 15.11 -4.92 8.63
CA GLY B 369 13.88 -5.45 8.06
C GLY B 369 12.66 -5.15 8.93
N ASP B 370 12.82 -5.24 10.25
CA ASP B 370 11.73 -4.85 11.14
C ASP B 370 11.55 -3.34 11.17
N VAL B 371 12.63 -2.57 10.96
CA VAL B 371 12.51 -1.12 10.93
C VAL B 371 11.71 -0.67 9.71
N THR B 372 12.05 -1.21 8.53
CA THR B 372 11.29 -0.89 7.33
C THR B 372 9.86 -1.44 7.41
N GLY B 373 9.71 -2.63 8.00
CA GLY B 373 8.39 -3.22 8.12
C GLY B 373 7.47 -2.44 9.05
N SER B 374 8.05 -1.72 10.01
CA SER B 374 7.25 -0.90 10.92
C SER B 374 6.83 0.43 10.28
N GLY B 375 7.50 0.86 9.21
CA GLY B 375 7.23 2.16 8.62
C GLY B 375 7.51 3.36 9.51
N ILE B 376 8.23 3.18 10.63
CA ILE B 376 8.43 4.29 11.57
C ILE B 376 9.26 5.38 10.93
N ILE B 377 10.27 5.01 10.13
CA ILE B 377 11.13 5.99 9.48
C ILE B 377 10.33 6.80 8.45
N SER B 378 9.51 6.12 7.64
CA SER B 378 8.74 6.83 6.63
C SER B 378 7.63 7.65 7.26
N SER B 379 7.02 7.15 8.34
CA SER B 379 6.01 7.93 9.05
C SER B 379 6.64 9.15 9.72
N MET B 380 7.90 9.05 10.12
CA MET B 380 8.61 10.20 10.65
C MET B 380 8.74 11.31 9.61
N VAL B 381 9.11 10.93 8.38
CA VAL B 381 9.24 11.91 7.31
C VAL B 381 7.87 12.46 6.92
N HIS B 382 6.85 11.59 6.91
CA HIS B 382 5.51 12.03 6.55
C HIS B 382 4.96 13.03 7.57
N ASN B 383 5.21 12.78 8.86
CA ASN B 383 4.72 13.69 9.89
C ASN B 383 5.48 15.00 9.91
N VAL B 384 6.78 14.96 9.61
CA VAL B 384 7.60 16.18 9.65
C VAL B 384 7.27 17.09 8.47
N THR B 385 7.08 16.50 7.29
CA THR B 385 6.87 17.29 6.07
C THR B 385 5.39 17.59 5.86
N VAL B 386 4.56 16.56 5.73
CA VAL B 386 3.14 16.77 5.48
C VAL B 386 2.46 17.35 6.72
N GLY B 387 2.69 16.74 7.88
CA GLY B 387 2.03 17.19 9.10
C GLY B 387 2.66 18.40 9.74
N GLN B 388 3.89 18.76 9.34
CA GLN B 388 4.61 19.91 9.91
C GLN B 388 4.77 19.79 11.42
N GLN B 389 4.86 18.57 11.93
CA GLN B 389 5.05 18.36 13.35
C GLN B 389 6.48 18.74 13.75
N ASP B 390 6.68 18.92 15.05
CA ASP B 390 7.98 19.34 15.56
C ASP B 390 9.05 18.33 15.17
N LEU B 391 10.17 18.86 14.63
CA LEU B 391 11.21 18.01 14.07
C LEU B 391 11.87 17.15 15.15
N ASN B 392 12.17 17.73 16.30
CA ASN B 392 12.95 17.04 17.33
CA ASN B 392 12.95 17.02 17.31
C ASN B 392 12.10 15.99 18.05
N THR B 393 10.89 16.36 18.48
CA THR B 393 10.05 15.42 19.20
C THR B 393 9.62 14.25 18.32
N THR B 394 9.39 14.50 17.03
CA THR B 394 9.10 13.41 16.10
C THR B 394 10.30 12.47 15.96
N LEU B 395 11.51 13.03 15.87
CA LEU B 395 12.70 12.21 15.80
C LEU B 395 12.93 11.45 17.10
N SER B 396 12.67 12.09 18.23
CA SER B 396 12.89 11.43 19.52
C SER B 396 11.87 10.33 19.77
N ASN B 397 10.60 10.58 19.43
CA ASN B 397 9.57 9.56 19.62
C ASN B 397 9.76 8.39 18.66
N SER B 398 10.26 8.66 17.45
CA SER B 398 10.53 7.59 16.51
C SER B 398 11.65 6.68 17.00
N GLN B 399 12.70 7.27 17.59
CA GLN B 399 13.77 6.47 18.17
C GLN B 399 13.25 5.63 19.32
N LYS B 400 12.32 6.18 20.12
CA LYS B 400 11.72 5.42 21.20
C LYS B 400 10.90 4.26 20.67
N ARG B 401 10.08 4.51 19.63
CA ARG B 401 9.29 3.45 19.04
C ARG B 401 10.17 2.41 18.35
N LEU B 402 11.27 2.85 17.74
CA LEU B 402 12.19 1.92 17.09
C LEU B 402 12.89 1.04 18.11
N THR B 403 13.38 1.63 19.21
CA THR B 403 14.00 0.83 20.25
C THR B 403 12.99 -0.11 20.89
N ASP B 404 11.77 0.38 21.16
CA ASP B 404 10.73 -0.49 21.73
C ASP B 404 10.35 -1.61 20.78
N LEU B 405 10.43 -1.35 19.46
CA LEU B 405 10.12 -2.40 18.50
C LEU B 405 11.11 -3.55 18.57
N VAL B 406 12.39 -3.23 18.81
CA VAL B 406 13.41 -4.28 18.88
C VAL B 406 13.70 -4.74 20.31
N SER B 407 13.33 -3.95 21.31
CA SER B 407 13.52 -4.35 22.71
C SER B 407 12.40 -5.24 23.23
N GLN B 408 11.60 -5.83 22.34
CA GLN B 408 10.54 -6.74 22.75
C GLN B 408 10.85 -8.17 22.34
MG MG C . -29.32 -10.00 -4.80
MG MG D . -1.26 -10.75 -7.53
MG MG E . -11.94 27.20 16.67
MG MG F . -1.32 12.81 -2.72
MG MG G . 24.70 13.66 -13.15
#